data_5ULG
#
_entry.id   5ULG
#
_cell.length_a   175.319
_cell.length_b   175.319
_cell.length_c   86.653
_cell.angle_alpha   90.00
_cell.angle_beta   90.00
_cell.angle_gamma   120.00
#
_symmetry.space_group_name_H-M   'P 65'
#
loop_
_entity.id
_entity.type
_entity.pdbx_description
1 polymer 'Retinoid isomerohydrolase'
2 non-polymer 'FE (II) ION'
3 non-polymer 'PALMITIC ACID'
4 non-polymer (3S)-3-({3-[(1R)-3-amino-1-hydroxypropyl]phenoxy}methyl)hexan-1-ol
5 non-polymer 'TETRAETHYLENE GLYCOL'
6 non-polymer 'SODIUM ION'
7 water water
#
_entity_poly.entity_id   1
_entity_poly.type   'polypeptide(L)'
_entity_poly.pdbx_seq_one_letter_code
;MSSQVEHPAGGYKKLFETVEELSSPLTAHVTGRIPLWLTGSLLRCGPGLFEVGSEPFYHLFDGQALLHKFDFKEGHVTYH
RRFIRTDAYVRAMTEKRIVITEFGTCAFPDPCKNIFSRFFSYFRGVEVTDNALVNIYPVGEDYYACTETNFITKVNPETL
ETIKQVDLCNYVSVNGATAHPHIENDGTVYNIGNCFGKNFSIAYNIVKIPPLQADKEDPISKSEIVVQFPCSDRFKPSYV
HSFGLTPNYIVFVETPVKINLFKFLSSWSLWGANYMDCFESNETMGVWLHIADKKRKKYINNKYRTSPFNLFHHINTYED
HEFLIVDLCCWKGFEFVYNYLYLANLRENWEEVKKNARKAPQPEVRRYVLPLNIDKADTGKNLVTLPNTTATAILCSDET
IWLEPEVLFSGPRQAFEFPQINYQKYGGKPYTYAYGLGLNHFVPDRLCKLNVKTKETWVWQEPDSYPSEPIFVSHPDALE
EDDGVVLSVVVSPGAGQKPAYLLILNAKDLSEVARAEVEINIPVTFHGLFKKS
;
_entity_poly.pdbx_strand_id   A,B
#
# COMPACT_ATOMS: atom_id res chain seq x y z
CA MET A 1 0.39 -9.49 12.64
C MET A 1 1.58 -10.33 12.21
N SER A 2 2.75 -9.72 12.35
CA SER A 2 4.04 -10.39 12.04
C SER A 2 4.43 -11.42 13.13
N SER A 3 5.32 -12.33 12.75
CA SER A 3 5.92 -13.28 13.67
C SER A 3 7.01 -12.58 14.52
N GLN A 4 7.20 -13.06 15.75
CA GLN A 4 8.29 -12.59 16.64
C GLN A 4 9.23 -13.76 17.02
N VAL A 5 9.37 -14.73 16.12
CA VAL A 5 10.02 -15.99 16.43
C VAL A 5 10.86 -16.43 15.24
N GLU A 6 12.04 -16.98 15.54
CA GLU A 6 12.89 -17.70 14.60
C GLU A 6 12.73 -19.20 14.85
N HIS A 7 13.20 -19.99 13.91
CA HIS A 7 12.99 -21.45 13.91
C HIS A 7 14.31 -22.22 13.68
N PRO A 8 15.37 -21.87 14.44
CA PRO A 8 16.66 -22.56 14.24
C PRO A 8 16.59 -24.05 14.52
N ALA A 9 15.75 -24.51 15.44
CA ALA A 9 15.59 -25.99 15.66
C ALA A 9 15.01 -26.79 14.48
N GLY A 10 14.45 -26.12 13.47
CA GLY A 10 14.03 -26.80 12.22
C GLY A 10 12.81 -27.73 12.31
N GLY A 11 11.98 -27.56 13.33
CA GLY A 11 10.87 -28.46 13.61
C GLY A 11 9.77 -28.46 12.57
N TYR A 12 9.67 -27.36 11.81
CA TYR A 12 8.77 -27.27 10.66
C TYR A 12 8.95 -28.42 9.64
N LYS A 13 10.09 -29.11 9.66
CA LYS A 13 10.29 -30.27 8.77
C LYS A 13 9.27 -31.38 9.03
N LYS A 14 8.75 -31.45 10.26
CA LYS A 14 7.70 -32.42 10.60
C LYS A 14 6.38 -32.24 9.84
N LEU A 15 6.17 -31.05 9.29
CA LEU A 15 5.04 -30.77 8.41
C LEU A 15 5.12 -31.58 7.14
N PHE A 16 6.33 -31.99 6.75
CA PHE A 16 6.56 -32.65 5.45
C PHE A 16 7.08 -34.08 5.58
N GLU A 17 6.72 -34.75 6.65
CA GLU A 17 7.18 -36.10 6.93
C GLU A 17 5.99 -37.06 6.86
N THR A 18 6.15 -38.13 6.10
CA THR A 18 5.15 -39.21 6.04
C THR A 18 4.58 -39.67 7.42
N VAL A 19 3.27 -39.91 7.46
CA VAL A 19 2.60 -40.48 8.63
C VAL A 19 1.78 -41.70 8.24
N GLU A 20 1.42 -42.49 9.25
CA GLU A 20 0.52 -43.62 9.07
C GLU A 20 -0.92 -43.24 9.37
N GLU A 21 -1.87 -43.80 8.59
CA GLU A 21 -3.28 -43.63 8.96
C GLU A 21 -3.65 -44.41 10.24
N LEU A 22 -4.83 -44.14 10.77
CA LEU A 22 -5.34 -44.84 11.95
C LEU A 22 -6.43 -45.82 11.54
N SER A 23 -6.59 -46.93 12.27
CA SER A 23 -7.73 -47.83 11.96
C SER A 23 -8.99 -47.35 12.64
N SER A 24 -8.88 -46.58 13.71
CA SER A 24 -10.06 -45.93 14.33
C SER A 24 -9.66 -44.71 15.20
N PRO A 25 -10.66 -43.93 15.68
CA PRO A 25 -10.28 -42.66 16.35
C PRO A 25 -9.46 -42.78 17.65
N LEU A 26 -8.52 -41.85 17.86
CA LEU A 26 -7.86 -41.65 19.16
C LEU A 26 -8.57 -40.60 20.00
N THR A 27 -8.46 -40.76 21.32
CA THR A 27 -8.77 -39.69 22.25
C THR A 27 -7.69 -38.63 22.21
N ALA A 28 -8.14 -37.37 22.23
CA ALA A 28 -7.26 -36.23 22.33
C ALA A 28 -7.40 -35.68 23.74
N HIS A 29 -6.28 -35.41 24.39
CA HIS A 29 -6.27 -35.08 25.81
C HIS A 29 -6.44 -33.57 25.96
N VAL A 30 -7.59 -33.18 26.51
CA VAL A 30 -7.96 -31.78 26.62
C VAL A 30 -7.32 -31.07 27.82
N THR A 31 -6.69 -29.91 27.58
CA THR A 31 -6.35 -28.96 28.64
C THR A 31 -7.19 -27.69 28.40
N GLY A 32 -7.66 -27.08 29.49
CA GLY A 32 -8.69 -26.05 29.40
C GLY A 32 -10.04 -26.71 29.17
N ARG A 33 -10.96 -25.93 28.66
CA ARG A 33 -12.37 -26.32 28.57
C ARG A 33 -12.98 -26.11 27.14
N ILE A 34 -13.22 -27.20 26.44
CA ILE A 34 -13.84 -27.16 25.11
C ILE A 34 -15.28 -26.68 25.32
N PRO A 35 -15.70 -25.59 24.64
CA PRO A 35 -17.11 -25.13 24.80
C PRO A 35 -18.15 -26.23 24.52
N LEU A 36 -19.19 -26.29 25.32
CA LEU A 36 -20.18 -27.38 25.20
C LEU A 36 -21.10 -27.22 24.00
N TRP A 37 -21.21 -25.99 23.46
CA TRP A 37 -21.95 -25.75 22.19
C TRP A 37 -21.20 -26.19 20.94
N LEU A 38 -19.92 -26.56 21.08
CA LEU A 38 -19.12 -27.01 19.96
C LEU A 38 -19.35 -28.50 19.68
N THR A 39 -20.19 -28.77 18.69
CA THR A 39 -20.64 -30.10 18.38
C THR A 39 -20.54 -30.31 16.87
N GLY A 40 -19.66 -31.24 16.45
CA GLY A 40 -19.39 -31.48 15.07
C GLY A 40 -17.99 -31.97 14.82
N SER A 41 -17.55 -31.83 13.58
CA SER A 41 -16.30 -32.39 13.07
C SER A 41 -15.52 -31.33 12.33
N LEU A 42 -14.26 -31.17 12.68
CA LEU A 42 -13.36 -30.36 11.88
C LEU A 42 -12.74 -31.31 10.88
N LEU A 43 -13.06 -31.13 9.60
CA LEU A 43 -12.50 -31.95 8.52
C LEU A 43 -11.44 -31.16 7.71
N ARG A 44 -10.25 -31.73 7.51
CA ARG A 44 -9.16 -31.05 6.79
C ARG A 44 -8.39 -32.02 5.89
N CYS A 45 -7.89 -31.50 4.77
CA CYS A 45 -7.06 -32.27 3.84
C CYS A 45 -5.64 -31.75 3.76
N GLY A 46 -4.71 -32.67 3.49
CA GLY A 46 -3.32 -32.36 3.26
C GLY A 46 -2.55 -33.55 2.73
N PRO A 47 -1.29 -33.34 2.35
CA PRO A 47 -0.45 -34.47 1.94
C PRO A 47 -0.07 -35.26 3.18
N GLY A 48 -0.03 -36.57 3.04
CA GLY A 48 0.36 -37.45 4.16
C GLY A 48 1.42 -38.48 3.86
N LEU A 49 1.64 -38.79 2.58
CA LEU A 49 2.66 -39.74 2.15
C LEU A 49 3.56 -39.03 1.13
N PHE A 50 4.82 -38.80 1.49
CA PHE A 50 5.71 -37.93 0.72
C PHE A 50 6.71 -38.70 -0.09
N GLU A 51 6.60 -40.03 -0.06
CA GLU A 51 7.33 -40.91 -0.97
C GLU A 51 6.65 -42.27 -1.10
N VAL A 52 6.87 -42.93 -2.24
CA VAL A 52 6.38 -44.29 -2.51
C VAL A 52 7.60 -45.21 -2.59
N GLY A 53 7.91 -45.84 -1.46
CA GLY A 53 9.10 -46.61 -1.32
C GLY A 53 10.31 -45.68 -1.29
N SER A 54 11.12 -45.80 -2.34
CA SER A 54 12.31 -45.02 -2.49
C SER A 54 12.14 -43.94 -3.58
N GLU A 55 10.96 -43.85 -4.22
CA GLU A 55 10.67 -42.79 -5.19
C GLU A 55 10.04 -41.60 -4.41
N PRO A 56 10.70 -40.42 -4.44
CA PRO A 56 10.21 -39.28 -3.64
C PRO A 56 9.21 -38.43 -4.43
N PHE A 57 8.26 -37.81 -3.72
CA PHE A 57 7.53 -36.66 -4.26
C PHE A 57 8.37 -35.38 -4.03
N TYR A 58 8.37 -34.47 -5.00
CA TYR A 58 9.24 -33.26 -4.95
C TYR A 58 8.58 -31.94 -4.45
N HIS A 59 7.28 -31.77 -4.74
CA HIS A 59 6.58 -30.53 -4.48
C HIS A 59 5.62 -30.66 -3.32
N LEU A 60 5.39 -29.52 -2.67
CA LEU A 60 4.44 -29.42 -1.58
C LEU A 60 3.04 -30.02 -1.90
N PHE A 61 2.62 -29.96 -3.18
CA PHE A 61 1.28 -30.30 -3.59
C PHE A 61 1.20 -31.69 -4.28
N ASP A 62 2.17 -32.56 -3.95
CA ASP A 62 2.37 -33.88 -4.56
C ASP A 62 2.05 -35.05 -3.65
N GLY A 63 2.33 -34.91 -2.36
CA GLY A 63 2.05 -35.94 -1.39
C GLY A 63 0.63 -36.44 -1.41
N GLN A 64 0.44 -37.73 -1.05
CA GLN A 64 -0.88 -38.36 -1.20
C GLN A 64 -1.89 -37.89 -0.17
N ALA A 65 -3.06 -37.51 -0.68
CA ALA A 65 -4.12 -36.96 0.16
C ALA A 65 -4.46 -37.83 1.37
N LEU A 66 -4.51 -37.14 2.50
CA LEU A 66 -4.85 -37.62 3.80
C LEU A 66 -6.03 -36.77 4.34
N LEU A 67 -7.12 -37.42 4.74
CA LEU A 67 -8.30 -36.77 5.28
C LEU A 67 -8.28 -36.90 6.80
N HIS A 68 -8.32 -35.76 7.47
CA HIS A 68 -8.24 -35.66 8.92
C HIS A 68 -9.59 -35.27 9.53
N LYS A 69 -9.85 -35.72 10.76
CA LYS A 69 -11.10 -35.34 11.44
C LYS A 69 -10.89 -35.22 12.93
N PHE A 70 -11.21 -34.04 13.47
CA PHE A 70 -11.38 -33.87 14.91
C PHE A 70 -12.85 -33.78 15.21
N ASP A 71 -13.33 -34.64 16.13
CA ASP A 71 -14.73 -34.63 16.58
C ASP A 71 -14.87 -34.01 17.93
N PHE A 72 -15.91 -33.20 18.09
CA PHE A 72 -16.20 -32.46 19.32
C PHE A 72 -17.59 -32.84 19.79
N LYS A 73 -17.69 -33.32 21.03
CA LYS A 73 -18.99 -33.60 21.66
C LYS A 73 -18.86 -33.59 23.17
N GLU A 74 -19.71 -32.82 23.83
CA GLU A 74 -19.80 -32.74 25.29
C GLU A 74 -18.44 -32.51 25.95
N GLY A 75 -17.65 -31.64 25.30
CA GLY A 75 -16.33 -31.24 25.78
C GLY A 75 -15.19 -32.23 25.61
N HIS A 76 -15.40 -33.27 24.79
CA HIS A 76 -14.44 -34.36 24.55
C HIS A 76 -14.08 -34.31 23.07
N VAL A 77 -12.88 -34.79 22.75
CA VAL A 77 -12.36 -34.69 21.39
C VAL A 77 -11.71 -36.00 20.93
N THR A 78 -11.98 -36.37 19.70
CA THR A 78 -11.26 -37.46 19.06
C THR A 78 -10.58 -36.97 17.79
N TYR A 79 -9.54 -37.71 17.41
CA TYR A 79 -8.83 -37.45 16.18
C TYR A 79 -8.77 -38.73 15.36
N HIS A 80 -8.93 -38.61 14.05
CA HIS A 80 -8.92 -39.74 13.13
C HIS A 80 -8.42 -39.28 11.78
N ARG A 81 -7.78 -40.19 11.05
CA ARG A 81 -7.32 -39.89 9.72
C ARG A 81 -7.18 -41.15 8.86
N ARG A 82 -7.46 -40.97 7.57
CA ARG A 82 -7.38 -41.99 6.54
C ARG A 82 -6.91 -41.41 5.23
N PHE A 83 -6.06 -42.16 4.54
CA PHE A 83 -5.70 -41.82 3.18
C PHE A 83 -6.93 -41.95 2.28
N ILE A 84 -7.06 -41.01 1.35
CA ILE A 84 -8.15 -41.04 0.40
C ILE A 84 -7.73 -42.06 -0.64
N ARG A 85 -8.62 -43.00 -0.96
CA ARG A 85 -8.34 -44.05 -1.95
C ARG A 85 -8.60 -43.55 -3.36
N THR A 86 -7.73 -42.67 -3.79
CA THR A 86 -7.83 -42.07 -5.11
C THR A 86 -7.21 -43.08 -6.07
N ASP A 87 -7.39 -42.87 -7.37
CA ASP A 87 -6.59 -43.62 -8.37
C ASP A 87 -5.08 -43.52 -8.09
N ALA A 88 -4.60 -42.30 -7.83
CA ALA A 88 -3.18 -42.08 -7.60
C ALA A 88 -2.68 -42.89 -6.45
N TYR A 89 -3.42 -42.87 -5.35
CA TYR A 89 -3.02 -43.62 -4.17
C TYR A 89 -3.09 -45.18 -4.34
N VAL A 90 -4.23 -45.64 -4.83
CA VAL A 90 -4.53 -47.08 -4.99
C VAL A 90 -3.52 -47.72 -5.95
N ARG A 91 -3.30 -47.05 -7.09
CA ARG A 91 -2.37 -47.54 -8.07
C ARG A 91 -0.90 -47.48 -7.57
N ALA A 92 -0.55 -46.46 -6.79
CA ALA A 92 0.76 -46.46 -6.14
C ALA A 92 0.92 -47.62 -5.15
N MET A 93 -0.10 -47.91 -4.34
CA MET A 93 -0.03 -49.07 -3.40
C MET A 93 0.02 -50.40 -4.18
N THR A 94 -0.75 -50.51 -5.26
CA THR A 94 -0.75 -51.70 -6.11
C THR A 94 0.61 -51.92 -6.77
N GLU A 95 1.13 -50.89 -7.45
CA GLU A 95 2.36 -51.06 -8.23
C GLU A 95 3.64 -50.78 -7.46
N LYS A 96 3.53 -50.37 -6.19
CA LYS A 96 4.66 -50.01 -5.35
C LYS A 96 5.65 -49.00 -5.98
N ARG A 97 5.11 -48.02 -6.69
CA ARG A 97 5.87 -46.93 -7.25
C ARG A 97 4.91 -45.72 -7.50
N ILE A 98 5.46 -44.62 -8.00
CA ILE A 98 4.64 -43.47 -8.36
C ILE A 98 4.06 -43.72 -9.75
N VAL A 99 2.73 -43.85 -9.86
CA VAL A 99 2.12 -44.22 -11.14
C VAL A 99 1.55 -43.03 -11.90
N ILE A 100 0.89 -42.13 -11.20
CA ILE A 100 0.31 -40.94 -11.78
C ILE A 100 1.24 -39.72 -11.52
N THR A 101 1.45 -38.90 -12.54
CA THR A 101 2.20 -37.66 -12.41
C THR A 101 1.42 -36.67 -11.49
N GLU A 102 2.12 -36.16 -10.48
CA GLU A 102 1.61 -35.12 -9.59
C GLU A 102 2.08 -33.73 -10.03
N PHE A 103 1.55 -32.73 -9.36
CA PHE A 103 1.81 -31.31 -9.68
C PHE A 103 3.29 -31.02 -10.03
N GLY A 104 4.18 -31.43 -9.16
CA GLY A 104 5.62 -31.30 -9.39
C GLY A 104 6.44 -32.57 -9.35
N THR A 105 5.84 -33.71 -9.68
CA THR A 105 6.57 -34.97 -9.71
C THR A 105 6.12 -35.79 -10.91
N CYS A 106 7.03 -35.96 -11.87
CA CYS A 106 6.73 -36.75 -13.06
C CYS A 106 6.79 -38.25 -12.72
N ALA A 107 5.78 -39.01 -13.14
CA ALA A 107 5.82 -40.47 -12.99
C ALA A 107 6.48 -41.09 -14.21
N PHE A 108 7.38 -42.03 -14.01
CA PHE A 108 8.04 -42.71 -15.15
C PHE A 108 7.30 -44.06 -15.36
N PRO A 109 7.29 -44.64 -16.59
CA PRO A 109 6.68 -46.01 -16.74
C PRO A 109 7.66 -47.14 -16.41
N GLU A 127 -3.20 -39.13 -18.39
CA GLU A 127 -3.72 -39.48 -17.06
C GLU A 127 -3.61 -38.42 -15.94
N VAL A 128 -4.71 -37.74 -15.68
CA VAL A 128 -4.75 -36.57 -14.79
C VAL A 128 -4.85 -37.01 -13.33
N THR A 129 -4.06 -36.42 -12.45
CA THR A 129 -4.12 -36.77 -11.02
C THR A 129 -5.47 -36.40 -10.40
N ASP A 130 -5.88 -37.24 -9.46
CA ASP A 130 -7.10 -37.04 -8.69
C ASP A 130 -6.73 -37.03 -7.23
N ASN A 131 -5.47 -36.69 -6.94
CA ASN A 131 -4.94 -36.65 -5.56
C ASN A 131 -5.57 -35.43 -4.82
N ALA A 132 -6.62 -35.70 -4.05
CA ALA A 132 -7.50 -34.63 -3.50
C ALA A 132 -7.00 -34.11 -2.15
N LEU A 133 -5.81 -33.50 -2.20
CA LEU A 133 -5.08 -33.17 -0.97
C LEU A 133 -5.38 -31.79 -0.39
N VAL A 134 -6.19 -30.99 -1.09
CA VAL A 134 -6.30 -29.56 -0.86
C VAL A 134 -7.48 -29.16 0.02
N ASN A 135 -8.68 -29.59 -0.33
CA ASN A 135 -9.87 -29.13 0.41
C ASN A 135 -11.01 -30.18 0.39
N ILE A 136 -12.04 -29.91 1.17
CA ILE A 136 -13.25 -30.70 1.19
C ILE A 136 -14.46 -29.74 1.29
N TYR A 137 -15.50 -30.00 0.50
CA TYR A 137 -16.71 -29.19 0.50
C TYR A 137 -18.01 -29.97 0.30
N PRO A 138 -19.14 -29.41 0.77
CA PRO A 138 -20.44 -30.05 0.60
C PRO A 138 -21.13 -29.74 -0.73
N VAL A 139 -21.71 -30.77 -1.33
CA VAL A 139 -22.65 -30.67 -2.43
C VAL A 139 -23.85 -31.55 -2.07
N GLY A 140 -25.05 -30.98 -2.03
CA GLY A 140 -26.24 -31.73 -1.60
C GLY A 140 -25.95 -32.26 -0.20
N GLU A 141 -26.16 -33.56 0.02
CA GLU A 141 -25.85 -34.24 1.30
C GLU A 141 -24.48 -34.91 1.30
N ASP A 142 -23.70 -34.74 0.22
CA ASP A 142 -22.38 -35.37 0.07
C ASP A 142 -21.20 -34.43 0.37
N TYR A 143 -20.04 -35.02 0.61
CA TYR A 143 -18.81 -34.26 0.81
C TYR A 143 -17.80 -34.73 -0.20
N TYR A 144 -17.09 -33.77 -0.80
CA TYR A 144 -16.08 -34.04 -1.78
C TYR A 144 -14.74 -33.44 -1.36
N ALA A 145 -13.71 -34.30 -1.33
CA ALA A 145 -12.33 -33.89 -1.32
C ALA A 145 -11.92 -33.49 -2.73
N CYS A 146 -11.07 -32.46 -2.85
CA CYS A 146 -10.64 -32.00 -4.15
C CYS A 146 -9.18 -31.59 -4.18
N THR A 147 -8.70 -31.51 -5.43
CA THR A 147 -7.50 -30.78 -5.78
C THR A 147 -8.01 -29.71 -6.76
N GLU A 148 -7.33 -29.47 -7.87
CA GLU A 148 -7.74 -28.45 -8.83
C GLU A 148 -7.96 -28.99 -10.24
N THR A 149 -8.04 -30.31 -10.37
CA THR A 149 -8.26 -30.97 -11.65
C THR A 149 -9.75 -31.24 -11.88
N ASN A 150 -10.04 -32.02 -12.92
CA ASN A 150 -11.41 -32.43 -13.25
C ASN A 150 -12.00 -33.52 -12.33
N PHE A 151 -11.16 -34.18 -11.53
CA PHE A 151 -11.55 -35.23 -10.60
C PHE A 151 -11.73 -34.75 -9.16
N ILE A 152 -12.92 -34.97 -8.60
CA ILE A 152 -13.19 -34.78 -7.18
C ILE A 152 -13.63 -36.12 -6.59
N THR A 153 -13.41 -36.30 -5.30
CA THR A 153 -13.57 -37.60 -4.66
C THR A 153 -14.59 -37.50 -3.56
N LYS A 154 -15.72 -38.20 -3.73
CA LYS A 154 -16.74 -38.33 -2.69
C LYS A 154 -16.19 -39.13 -1.51
N VAL A 155 -16.34 -38.59 -0.31
CA VAL A 155 -15.85 -39.22 0.92
C VAL A 155 -16.93 -39.21 1.98
N ASN A 156 -16.80 -40.15 2.92
CA ASN A 156 -17.74 -40.27 4.02
C ASN A 156 -17.22 -39.45 5.19
N PRO A 157 -17.98 -38.41 5.61
CA PRO A 157 -17.47 -37.50 6.63
C PRO A 157 -17.44 -38.05 8.04
N GLU A 158 -18.08 -39.20 8.26
CA GLU A 158 -18.09 -39.84 9.58
C GLU A 158 -17.06 -40.93 9.72
N THR A 159 -16.90 -41.75 8.69
CA THR A 159 -15.93 -42.86 8.73
C THR A 159 -14.60 -42.53 8.02
N LEU A 160 -14.62 -41.51 7.16
CA LEU A 160 -13.50 -41.13 6.30
C LEU A 160 -13.22 -42.13 5.20
N GLU A 161 -14.18 -42.99 4.89
CA GLU A 161 -14.03 -43.90 3.76
C GLU A 161 -14.16 -43.13 2.47
N THR A 162 -13.51 -43.64 1.44
CA THR A 162 -13.60 -43.09 0.10
C THR A 162 -14.77 -43.76 -0.61
N ILE A 163 -15.63 -42.99 -1.25
CA ILE A 163 -16.86 -43.53 -1.81
C ILE A 163 -16.69 -43.70 -3.32
N LYS A 164 -16.39 -42.61 -4.01
CA LYS A 164 -16.18 -42.66 -5.45
C LYS A 164 -15.45 -41.48 -6.01
N GLN A 165 -14.96 -41.68 -7.23
CA GLN A 165 -14.37 -40.65 -8.05
C GLN A 165 -15.44 -40.06 -8.95
N VAL A 166 -15.47 -38.74 -9.08
CA VAL A 166 -16.39 -38.04 -9.99
C VAL A 166 -15.54 -37.24 -10.95
N ASP A 167 -15.82 -37.37 -12.24
CA ASP A 167 -15.11 -36.66 -13.29
C ASP A 167 -16.05 -35.54 -13.68
N LEU A 168 -15.67 -34.30 -13.37
CA LEU A 168 -16.52 -33.14 -13.69
C LEU A 168 -16.77 -32.95 -15.16
N CYS A 169 -15.83 -33.38 -15.99
CA CYS A 169 -16.03 -33.34 -17.46
C CYS A 169 -17.20 -34.18 -17.99
N ASN A 170 -17.65 -35.18 -17.23
CA ASN A 170 -18.87 -35.92 -17.57
C ASN A 170 -20.13 -35.06 -17.48
N TYR A 171 -20.02 -33.89 -16.81
CA TYR A 171 -21.17 -33.06 -16.48
C TYR A 171 -21.17 -31.64 -17.06
N VAL A 172 -20.00 -31.02 -17.20
CA VAL A 172 -19.91 -29.61 -17.61
C VAL A 172 -18.63 -29.40 -18.33
N SER A 173 -18.60 -28.34 -19.10
CA SER A 173 -17.47 -28.04 -19.96
C SER A 173 -16.40 -27.20 -19.25
N VAL A 174 -15.54 -27.87 -18.48
CA VAL A 174 -14.37 -27.28 -17.84
C VAL A 174 -13.27 -28.31 -17.83
N ASN A 175 -12.02 -27.88 -17.84
CA ASN A 175 -10.88 -28.81 -17.72
C ASN A 175 -10.46 -29.10 -16.29
N GLY A 176 -10.88 -28.24 -15.40
CA GLY A 176 -10.67 -28.46 -13.99
C GLY A 176 -11.51 -27.43 -13.28
N ALA A 177 -11.47 -27.47 -11.96
CA ALA A 177 -12.15 -26.48 -11.16
C ALA A 177 -11.33 -26.27 -9.89
N THR A 178 -11.45 -25.09 -9.30
CA THR A 178 -10.63 -24.77 -8.12
C THR A 178 -11.02 -25.58 -6.91
N ALA A 179 -10.16 -25.53 -5.90
CA ALA A 179 -10.47 -26.09 -4.60
C ALA A 179 -11.23 -25.13 -3.70
N HIS A 180 -11.71 -23.99 -4.24
CA HIS A 180 -12.38 -22.97 -3.44
C HIS A 180 -13.73 -22.57 -4.04
N PRO A 181 -14.66 -23.52 -4.16
CA PRO A 181 -16.01 -23.12 -4.58
C PRO A 181 -16.67 -22.26 -3.52
N HIS A 182 -17.55 -21.37 -3.95
CA HIS A 182 -18.40 -20.65 -3.02
C HIS A 182 -19.68 -21.46 -2.78
N ILE A 183 -20.19 -21.40 -1.57
CA ILE A 183 -21.33 -22.15 -1.16
C ILE A 183 -22.33 -21.17 -0.55
N GLU A 184 -23.40 -20.88 -1.28
CA GLU A 184 -24.53 -20.06 -0.74
C GLU A 184 -25.30 -20.78 0.38
N ASN A 185 -26.10 -20.06 1.16
CA ASN A 185 -26.76 -20.67 2.33
C ASN A 185 -27.78 -21.79 2.01
N ASP A 186 -28.44 -21.71 0.85
CA ASP A 186 -29.33 -22.79 0.39
C ASP A 186 -28.60 -24.04 -0.15
N GLY A 187 -27.25 -24.01 -0.27
CA GLY A 187 -26.47 -25.17 -0.69
C GLY A 187 -25.97 -25.10 -2.13
N THR A 188 -26.44 -24.08 -2.87
CA THR A 188 -25.96 -23.80 -4.21
C THR A 188 -24.43 -23.62 -4.17
N VAL A 189 -23.75 -24.22 -5.14
CA VAL A 189 -22.29 -24.24 -5.22
C VAL A 189 -21.85 -23.59 -6.50
N TYR A 190 -20.94 -22.60 -6.39
CA TYR A 190 -20.36 -21.97 -7.56
C TYR A 190 -18.89 -22.28 -7.59
N ASN A 191 -18.35 -22.44 -8.79
CA ASN A 191 -16.93 -22.65 -8.96
C ASN A 191 -16.49 -22.09 -10.30
N ILE A 192 -15.17 -22.03 -10.51
CA ILE A 192 -14.60 -21.52 -11.78
C ILE A 192 -13.52 -22.49 -12.24
N GLY A 193 -13.40 -22.63 -13.54
CA GLY A 193 -12.42 -23.52 -14.17
C GLY A 193 -11.98 -23.01 -15.54
N ASN A 194 -10.76 -23.38 -15.94
CA ASN A 194 -10.26 -23.13 -17.30
C ASN A 194 -11.13 -23.95 -18.25
N CYS A 195 -11.43 -23.40 -19.42
CA CYS A 195 -12.08 -24.14 -20.49
C CYS A 195 -11.26 -24.02 -21.77
N PHE A 196 -10.73 -25.16 -22.28
CA PHE A 196 -9.82 -25.22 -23.49
C PHE A 196 -10.51 -25.60 -24.80
N ILE A 202 -10.54 -20.50 -25.74
CA ILE A 202 -10.08 -20.47 -24.35
C ILE A 202 -10.86 -19.42 -23.54
N ALA A 203 -11.44 -19.87 -22.44
CA ALA A 203 -12.23 -19.02 -21.55
C ALA A 203 -12.13 -19.54 -20.12
N TYR A 204 -12.81 -18.85 -19.19
CA TYR A 204 -12.94 -19.33 -17.83
C TYR A 204 -14.43 -19.40 -17.55
N ASN A 205 -14.90 -20.57 -17.14
CA ASN A 205 -16.34 -20.78 -16.98
C ASN A 205 -16.72 -20.86 -15.53
N ILE A 206 -17.81 -20.19 -15.16
CA ILE A 206 -18.40 -20.35 -13.86
C ILE A 206 -19.43 -21.52 -13.91
N VAL A 207 -19.20 -22.53 -13.09
CA VAL A 207 -20.07 -23.67 -12.91
C VAL A 207 -21.00 -23.42 -11.75
N LYS A 208 -22.28 -23.77 -11.91
CA LYS A 208 -23.28 -23.70 -10.83
C LYS A 208 -23.85 -25.08 -10.57
N ILE A 209 -23.78 -25.54 -9.33
CA ILE A 209 -24.38 -26.79 -8.91
C ILE A 209 -25.55 -26.44 -7.99
N PRO A 210 -26.78 -26.89 -8.33
CA PRO A 210 -27.92 -26.50 -7.53
C PRO A 210 -28.02 -27.22 -6.19
N PRO A 211 -28.84 -26.69 -5.28
CA PRO A 211 -29.07 -27.42 -4.03
C PRO A 211 -29.83 -28.72 -4.27
N LEU A 212 -29.77 -29.66 -3.32
CA LEU A 212 -30.53 -30.92 -3.43
C LEU A 212 -32.02 -30.58 -3.51
N GLN A 213 -32.72 -31.10 -4.51
CA GLN A 213 -34.17 -30.90 -4.62
C GLN A 213 -34.97 -32.08 -4.05
N ALA A 214 -36.29 -31.94 -4.07
CA ALA A 214 -37.20 -33.01 -3.62
C ALA A 214 -37.04 -34.32 -4.41
N ASP A 215 -36.76 -34.27 -5.73
CA ASP A 215 -36.51 -35.50 -6.51
C ASP A 215 -35.28 -36.29 -6.02
N LYS A 216 -34.35 -35.62 -5.34
CA LYS A 216 -33.23 -36.28 -4.66
C LYS A 216 -32.16 -36.89 -5.58
N GLU A 217 -32.19 -36.56 -6.88
CA GLU A 217 -31.09 -36.87 -7.81
C GLU A 217 -29.82 -36.09 -7.41
N ASP A 218 -28.68 -36.66 -7.76
CA ASP A 218 -27.39 -36.07 -7.45
C ASP A 218 -27.34 -34.67 -8.11
N PRO A 219 -27.21 -33.59 -7.29
CA PRO A 219 -27.13 -32.24 -7.84
C PRO A 219 -26.03 -32.01 -8.87
N ILE A 220 -24.96 -32.82 -8.85
CA ILE A 220 -23.91 -32.72 -9.89
C ILE A 220 -24.45 -32.99 -11.29
N SER A 221 -25.43 -33.88 -11.43
CA SER A 221 -26.06 -34.11 -12.76
C SER A 221 -26.87 -32.92 -13.24
N LYS A 222 -27.15 -31.94 -12.39
CA LYS A 222 -27.81 -30.70 -12.82
C LYS A 222 -26.86 -29.50 -12.94
N SER A 223 -25.54 -29.73 -12.99
CA SER A 223 -24.59 -28.63 -13.11
C SER A 223 -24.71 -27.97 -14.45
N GLU A 224 -24.41 -26.67 -14.46
CA GLU A 224 -24.41 -25.89 -15.69
C GLU A 224 -23.41 -24.74 -15.66
N ILE A 225 -22.96 -24.33 -16.83
CA ILE A 225 -22.18 -23.13 -16.97
C ILE A 225 -23.16 -21.97 -16.99
N VAL A 226 -23.05 -21.03 -16.07
CA VAL A 226 -23.89 -19.82 -16.09
C VAL A 226 -23.27 -18.60 -16.74
N VAL A 227 -21.96 -18.44 -16.67
CA VAL A 227 -21.30 -17.34 -17.31
C VAL A 227 -19.86 -17.66 -17.64
N GLN A 228 -19.34 -16.93 -18.61
CA GLN A 228 -18.03 -17.15 -19.11
C GLN A 228 -17.22 -15.84 -19.12
N PHE A 229 -15.98 -15.93 -18.61
CA PHE A 229 -15.06 -14.81 -18.62
C PHE A 229 -14.10 -14.98 -19.78
N PRO A 230 -13.74 -13.88 -20.45
CA PRO A 230 -12.74 -13.93 -21.50
C PRO A 230 -11.31 -14.11 -20.97
N CYS A 231 -10.42 -14.48 -21.86
CA CYS A 231 -9.03 -14.70 -21.53
C CYS A 231 -8.13 -13.66 -22.22
N SER A 232 -7.07 -13.22 -21.55
CA SER A 232 -6.18 -12.17 -22.06
C SER A 232 -5.30 -12.63 -23.22
N ASP A 233 -5.08 -13.93 -23.30
CA ASP A 233 -4.18 -14.50 -24.27
C ASP A 233 -4.95 -15.70 -24.85
N ARG A 234 -5.11 -15.67 -26.17
CA ARG A 234 -5.81 -16.72 -26.91
C ARG A 234 -5.39 -18.15 -26.54
N PHE A 235 -4.09 -18.38 -26.35
CA PHE A 235 -3.52 -19.71 -26.11
C PHE A 235 -2.92 -19.92 -24.71
N LYS A 236 -3.05 -18.94 -23.80
CA LYS A 236 -2.46 -19.07 -22.46
C LYS A 236 -3.40 -18.58 -21.37
N PRO A 237 -4.22 -19.48 -20.80
CA PRO A 237 -5.05 -19.09 -19.67
C PRO A 237 -4.23 -18.84 -18.39
N SER A 238 -4.73 -17.96 -17.53
CA SER A 238 -4.13 -17.73 -16.25
C SER A 238 -4.46 -18.86 -15.31
N TYR A 239 -3.50 -19.16 -14.43
CA TYR A 239 -3.74 -19.99 -13.28
C TYR A 239 -4.77 -19.31 -12.38
N VAL A 240 -5.77 -20.06 -11.95
CA VAL A 240 -6.83 -19.51 -11.12
C VAL A 240 -7.05 -20.43 -9.93
N HIS A 241 -7.01 -19.83 -8.75
CA HIS A 241 -7.07 -20.53 -7.48
C HIS A 241 -8.34 -20.31 -6.70
N SER A 242 -8.94 -19.13 -6.86
CA SER A 242 -10.17 -18.76 -6.15
C SER A 242 -10.82 -17.62 -6.89
N PHE A 243 -11.99 -17.21 -6.42
CA PHE A 243 -12.74 -16.11 -7.02
C PHE A 243 -13.67 -15.50 -6.01
N GLY A 244 -14.25 -14.37 -6.36
CA GLY A 244 -15.14 -13.65 -5.42
C GLY A 244 -16.60 -13.73 -5.82
N LEU A 245 -17.48 -13.65 -4.84
CA LEU A 245 -18.91 -13.80 -5.05
C LEU A 245 -19.68 -12.92 -4.05
N THR A 246 -20.69 -12.22 -4.56
CA THR A 246 -21.59 -11.41 -3.76
C THR A 246 -23.00 -11.82 -4.17
N PRO A 247 -24.04 -11.27 -3.52
CA PRO A 247 -25.40 -11.61 -3.96
C PRO A 247 -25.61 -11.38 -5.47
N ASN A 248 -25.03 -10.30 -6.00
CA ASN A 248 -25.28 -9.86 -7.36
C ASN A 248 -24.14 -9.97 -8.34
N TYR A 249 -22.92 -10.22 -7.86
CA TYR A 249 -21.77 -10.23 -8.77
C TYR A 249 -20.83 -11.37 -8.52
N ILE A 250 -20.09 -11.67 -9.58
CA ILE A 250 -18.98 -12.61 -9.55
C ILE A 250 -17.73 -11.83 -9.94
N VAL A 251 -16.63 -12.03 -9.20
CA VAL A 251 -15.37 -11.31 -9.46
C VAL A 251 -14.28 -12.31 -9.73
N PHE A 252 -13.61 -12.13 -10.85
CA PHE A 252 -12.52 -13.01 -11.24
C PHE A 252 -11.25 -12.19 -11.48
N VAL A 253 -10.14 -12.61 -10.88
CA VAL A 253 -8.86 -11.88 -11.00
C VAL A 253 -7.91 -12.66 -11.89
N GLU A 254 -7.64 -12.12 -13.08
CA GLU A 254 -6.76 -12.75 -14.05
C GLU A 254 -5.32 -12.27 -13.84
N THR A 255 -4.46 -13.14 -13.35
CA THR A 255 -3.10 -12.79 -12.97
C THR A 255 -2.09 -13.07 -14.07
N PRO A 256 -0.86 -12.56 -13.92
CA PRO A 256 0.16 -12.84 -14.93
C PRO A 256 0.82 -14.20 -14.87
N VAL A 257 0.41 -15.08 -13.98
CA VAL A 257 0.89 -16.46 -13.97
C VAL A 257 0.04 -17.25 -15.00
N LYS A 258 0.69 -17.69 -16.07
CA LYS A 258 0.02 -18.36 -17.20
C LYS A 258 0.37 -19.85 -17.32
N ILE A 259 -0.58 -20.61 -17.84
CA ILE A 259 -0.38 -22.03 -18.16
C ILE A 259 -0.08 -22.08 -19.64
N ASN A 260 1.11 -22.55 -20.00
CA ASN A 260 1.49 -22.60 -21.39
C ASN A 260 0.89 -23.87 -22.00
N LEU A 261 -0.16 -23.68 -22.81
CA LEU A 261 -0.87 -24.80 -23.42
C LEU A 261 -0.07 -25.60 -24.45
N PHE A 262 0.88 -24.94 -25.13
CA PHE A 262 1.78 -25.66 -26.04
C PHE A 262 2.59 -26.71 -25.27
N LYS A 263 3.27 -26.33 -24.19
CA LYS A 263 3.93 -27.35 -23.32
C LYS A 263 2.94 -28.25 -22.56
N PHE A 264 1.71 -27.79 -22.27
CA PHE A 264 0.70 -28.58 -21.48
C PHE A 264 0.20 -29.83 -22.24
N LEU A 265 -0.35 -29.59 -23.44
CA LEU A 265 -0.98 -30.64 -24.29
C LEU A 265 -0.01 -31.65 -24.97
N SER A 266 1.27 -31.28 -25.10
CA SER A 266 2.36 -32.24 -25.40
C SER A 266 2.52 -33.31 -24.28
N GLY A 272 9.35 -36.08 -20.25
CA GLY A 272 8.81 -36.21 -18.90
C GLY A 272 8.51 -34.87 -18.21
N ALA A 273 7.40 -34.23 -18.58
CA ALA A 273 6.94 -33.00 -17.94
C ALA A 273 5.92 -33.23 -16.81
N ASN A 274 5.88 -32.29 -15.89
CA ASN A 274 4.86 -32.24 -14.88
C ASN A 274 4.06 -30.94 -15.03
N TYR A 275 3.16 -30.70 -14.07
CA TYR A 275 2.29 -29.53 -14.15
C TYR A 275 3.11 -28.23 -13.95
N MET A 276 3.99 -28.22 -12.93
CA MET A 276 4.91 -27.08 -12.70
C MET A 276 5.65 -26.64 -13.97
N ASP A 277 6.05 -27.60 -14.82
CA ASP A 277 6.76 -27.26 -16.07
C ASP A 277 5.94 -26.46 -17.05
N CYS A 278 4.64 -26.36 -16.85
CA CYS A 278 3.82 -25.64 -17.83
C CYS A 278 3.60 -24.16 -17.48
N PHE A 279 4.03 -23.72 -16.29
CA PHE A 279 3.75 -22.33 -15.88
C PHE A 279 4.79 -21.36 -16.43
N GLU A 280 4.34 -20.17 -16.80
CA GLU A 280 5.26 -19.08 -17.16
C GLU A 280 4.64 -17.74 -16.74
N SER A 281 5.46 -16.70 -16.70
CA SER A 281 5.00 -15.39 -16.21
C SER A 281 4.92 -14.42 -17.36
N ASN A 282 3.77 -13.81 -17.56
CA ASN A 282 3.66 -12.72 -18.49
C ASN A 282 4.12 -11.43 -17.79
N GLU A 283 5.19 -10.85 -18.33
CA GLU A 283 5.82 -9.68 -17.74
C GLU A 283 5.08 -8.36 -17.98
N THR A 284 4.24 -8.25 -19.00
CA THR A 284 3.69 -6.95 -19.37
C THR A 284 2.24 -6.76 -19.02
N MET A 285 1.46 -7.82 -18.85
CA MET A 285 0.00 -7.64 -18.70
C MET A 285 -0.47 -7.05 -17.34
N GLY A 286 0.32 -7.21 -16.28
CA GLY A 286 -0.16 -6.89 -14.96
C GLY A 286 -1.29 -7.82 -14.57
N VAL A 287 -2.24 -7.27 -13.83
CA VAL A 287 -3.43 -8.00 -13.40
C VAL A 287 -4.66 -7.37 -14.03
N TRP A 288 -5.51 -8.22 -14.62
CA TRP A 288 -6.80 -7.79 -15.19
C TRP A 288 -7.91 -8.28 -14.27
N LEU A 289 -8.82 -7.42 -13.87
CA LEU A 289 -9.91 -7.84 -13.01
C LEU A 289 -11.21 -7.78 -13.82
N HIS A 290 -12.08 -8.74 -13.52
CA HIS A 290 -13.29 -9.00 -14.31
C HIS A 290 -14.48 -9.13 -13.37
N ILE A 291 -15.63 -8.58 -13.76
CA ILE A 291 -16.85 -8.81 -13.03
C ILE A 291 -17.91 -9.34 -13.97
N ALA A 292 -18.82 -10.15 -13.42
CA ALA A 292 -19.98 -10.58 -14.15
C ALA A 292 -21.18 -10.35 -13.27
N ASP A 293 -22.31 -10.10 -13.92
CA ASP A 293 -23.61 -10.01 -13.27
C ASP A 293 -24.11 -11.43 -12.93
N LYS A 294 -24.25 -11.75 -11.64
CA LYS A 294 -24.59 -13.11 -11.23
C LYS A 294 -26.00 -13.53 -11.72
N LYS A 295 -26.98 -12.65 -11.51
CA LYS A 295 -28.38 -12.97 -11.74
C LYS A 295 -28.79 -12.87 -13.20
N ARG A 296 -28.23 -11.90 -13.92
CA ARG A 296 -28.50 -11.77 -15.34
C ARG A 296 -27.54 -12.60 -16.16
N LYS A 297 -26.59 -13.28 -15.50
CA LYS A 297 -25.63 -14.22 -16.13
C LYS A 297 -24.89 -13.59 -17.30
N LYS A 298 -24.29 -12.43 -17.09
CA LYS A 298 -23.72 -11.62 -18.18
C LYS A 298 -22.34 -11.06 -17.76
N TYR A 299 -21.34 -11.21 -18.63
CA TYR A 299 -20.05 -10.57 -18.43
C TYR A 299 -20.18 -9.06 -18.63
N ILE A 300 -19.56 -8.28 -17.77
CA ILE A 300 -19.59 -6.83 -17.85
C ILE A 300 -18.25 -6.34 -18.41
N ASN A 301 -18.28 -5.62 -19.53
CA ASN A 301 -17.03 -5.30 -20.22
C ASN A 301 -16.37 -4.04 -19.61
N ASN A 302 -15.89 -4.15 -18.38
CA ASN A 302 -15.18 -3.07 -17.73
C ASN A 302 -13.75 -3.54 -17.61
N LYS A 303 -12.83 -2.78 -18.20
CA LYS A 303 -11.40 -3.17 -18.27
C LYS A 303 -10.62 -2.70 -17.05
N TYR A 304 -10.81 -3.38 -15.93
CA TYR A 304 -10.10 -3.06 -14.70
C TYR A 304 -8.68 -3.59 -14.83
N ARG A 305 -7.72 -2.75 -14.49
CA ARG A 305 -6.29 -3.09 -14.65
C ARG A 305 -5.50 -2.63 -13.44
N THR A 306 -4.50 -3.41 -13.04
CA THR A 306 -3.54 -2.96 -12.05
C THR A 306 -2.18 -3.67 -12.22
N SER A 307 -1.26 -3.39 -11.30
CA SER A 307 0.10 -3.91 -11.34
C SER A 307 0.15 -5.41 -11.07
N PRO A 308 1.28 -6.06 -11.37
CA PRO A 308 1.34 -7.51 -11.23
C PRO A 308 1.42 -8.04 -9.79
N PHE A 309 0.63 -9.09 -9.53
CA PHE A 309 0.74 -9.87 -8.32
C PHE A 309 0.28 -11.29 -8.59
N ASN A 310 0.76 -12.25 -7.80
CA ASN A 310 0.12 -13.56 -7.67
C ASN A 310 -1.08 -13.40 -6.71
N LEU A 311 -2.13 -14.18 -6.95
CA LEU A 311 -3.26 -14.27 -6.02
C LEU A 311 -3.63 -15.74 -5.87
N PHE A 312 -3.68 -16.19 -4.63
CA PHE A 312 -4.28 -17.49 -4.32
C PHE A 312 -5.67 -17.33 -3.69
N HIS A 313 -5.77 -16.56 -2.62
CA HIS A 313 -6.99 -16.47 -1.86
C HIS A 313 -7.63 -15.12 -1.83
N HIS A 314 -8.84 -15.05 -2.34
CA HIS A 314 -9.76 -13.97 -2.02
C HIS A 314 -10.11 -14.09 -0.54
N ILE A 315 -10.31 -12.97 0.14
CA ILE A 315 -10.72 -12.97 1.57
C ILE A 315 -12.24 -12.90 1.64
N ASN A 316 -12.77 -11.82 1.06
CA ASN A 316 -14.19 -11.59 0.99
C ASN A 316 -14.43 -10.50 -0.04
N THR A 317 -15.64 -10.49 -0.58
CA THR A 317 -16.06 -9.53 -1.55
C THR A 317 -17.42 -9.02 -1.15
N TYR A 318 -17.71 -7.73 -1.38
CA TYR A 318 -19.05 -7.22 -1.09
C TYR A 318 -19.35 -5.95 -1.84
N GLU A 319 -20.63 -5.56 -1.81
CA GLU A 319 -21.16 -4.43 -2.56
C GLU A 319 -21.38 -3.29 -1.59
N ASP A 320 -20.97 -2.09 -1.99
CA ASP A 320 -21.17 -0.91 -1.14
C ASP A 320 -21.47 0.23 -2.07
N HIS A 321 -22.75 0.62 -2.08
CA HIS A 321 -23.30 1.62 -3.02
C HIS A 321 -22.95 1.10 -4.38
N GLU A 322 -22.37 1.82 -5.30
CA GLU A 322 -22.19 1.10 -6.57
C GLU A 322 -20.77 0.61 -6.76
N PHE A 323 -20.14 0.05 -5.75
CA PHE A 323 -18.72 -0.31 -5.82
C PHE A 323 -18.62 -1.73 -5.30
N LEU A 324 -17.76 -2.53 -5.90
CA LEU A 324 -17.34 -3.80 -5.30
C LEU A 324 -16.05 -3.63 -4.52
N ILE A 325 -16.09 -4.07 -3.27
CA ILE A 325 -14.97 -4.12 -2.38
C ILE A 325 -14.36 -5.51 -2.49
N VAL A 326 -13.11 -5.59 -2.92
CA VAL A 326 -12.45 -6.85 -3.23
C VAL A 326 -11.21 -6.98 -2.32
N ASP A 327 -11.33 -7.75 -1.24
CA ASP A 327 -10.23 -7.97 -0.33
C ASP A 327 -9.44 -9.23 -0.71
N LEU A 328 -8.13 -9.09 -0.88
CA LEU A 328 -7.27 -10.12 -1.46
C LEU A 328 -6.00 -10.33 -0.66
N CYS A 329 -5.54 -11.58 -0.61
CA CYS A 329 -4.19 -11.91 -0.17
C CYS A 329 -3.28 -11.96 -1.41
N CYS A 330 -2.47 -10.91 -1.58
CA CYS A 330 -1.62 -10.77 -2.74
C CYS A 330 -0.19 -11.16 -2.47
N TRP A 331 0.54 -11.45 -3.54
CA TRP A 331 1.99 -11.63 -3.52
C TRP A 331 2.56 -10.71 -4.60
N LYS A 332 3.34 -9.71 -4.19
CA LYS A 332 3.78 -8.61 -5.06
C LYS A 332 4.88 -9.08 -5.98
N GLY A 333 4.57 -9.20 -7.26
CA GLY A 333 5.48 -9.75 -8.25
C GLY A 333 4.77 -10.61 -9.27
N PHE A 334 5.48 -10.96 -10.34
CA PHE A 334 4.89 -11.85 -11.35
C PHE A 334 5.47 -13.26 -11.37
N GLU A 335 6.61 -13.47 -10.72
CA GLU A 335 7.15 -14.81 -10.56
C GLU A 335 6.14 -15.64 -9.76
N PHE A 336 5.99 -16.89 -10.18
CA PHE A 336 5.04 -17.81 -9.54
C PHE A 336 5.55 -18.22 -8.17
N VAL A 337 4.76 -17.90 -7.15
CA VAL A 337 5.12 -18.22 -5.77
C VAL A 337 5.33 -19.74 -5.56
N TYR A 338 4.65 -20.57 -6.35
CA TYR A 338 4.81 -22.03 -6.21
C TYR A 338 6.23 -22.54 -6.48
N ASN A 339 7.05 -21.75 -7.19
CA ASN A 339 8.49 -22.08 -7.36
C ASN A 339 9.23 -22.20 -6.02
N TYR A 340 8.76 -21.55 -4.96
CA TYR A 340 9.45 -21.55 -3.67
C TYR A 340 8.96 -22.66 -2.80
N LEU A 341 8.09 -23.54 -3.31
CA LEU A 341 7.44 -24.55 -2.46
C LEU A 341 7.78 -26.01 -2.83
N TYR A 342 8.95 -26.24 -3.42
CA TYR A 342 9.51 -27.59 -3.51
C TYR A 342 9.91 -28.06 -2.12
N LEU A 343 9.68 -29.34 -1.83
CA LEU A 343 9.93 -29.87 -0.46
C LEU A 343 11.38 -29.75 -0.04
N ALA A 344 12.30 -29.92 -0.99
CA ALA A 344 13.74 -29.78 -0.73
C ALA A 344 14.09 -28.38 -0.18
N ASN A 345 13.42 -27.35 -0.67
CA ASN A 345 13.56 -25.99 -0.11
C ASN A 345 12.86 -25.81 1.24
N LEU A 346 11.64 -26.33 1.37
CA LEU A 346 10.92 -26.27 2.65
C LEU A 346 11.55 -27.12 3.75
N ARG A 347 12.40 -28.08 3.38
CA ARG A 347 13.10 -28.91 4.40
C ARG A 347 14.49 -28.43 4.79
N GLU A 348 14.96 -27.33 4.20
CA GLU A 348 16.25 -26.76 4.57
C GLU A 348 16.23 -26.20 5.98
N ASN A 349 17.43 -25.92 6.46
CA ASN A 349 17.58 -25.29 7.77
C ASN A 349 17.15 -23.82 7.69
N TRP A 350 16.89 -23.23 8.85
CA TRP A 350 16.19 -21.98 8.95
C TRP A 350 16.88 -20.80 8.22
N GLU A 351 18.20 -20.69 8.37
CA GLU A 351 18.96 -19.62 7.69
C GLU A 351 18.84 -19.71 6.19
N GLU A 352 18.83 -20.94 5.69
N GLU A 352 18.83 -20.94 5.69
CA GLU A 352 18.66 -21.21 4.26
CA GLU A 352 18.65 -21.20 4.25
C GLU A 352 17.21 -20.95 3.75
C GLU A 352 17.21 -20.95 3.75
N VAL A 353 16.22 -21.33 4.55
CA VAL A 353 14.79 -21.00 4.24
C VAL A 353 14.61 -19.48 4.10
N LYS A 354 15.16 -18.72 5.05
CA LYS A 354 15.05 -17.26 4.98
C LYS A 354 15.75 -16.74 3.75
N LYS A 355 16.97 -17.18 3.49
CA LYS A 355 17.72 -16.74 2.32
C LYS A 355 16.98 -17.03 1.01
N ASN A 356 16.41 -18.22 0.87
CA ASN A 356 15.73 -18.61 -0.34
C ASN A 356 14.48 -17.79 -0.59
N ALA A 357 13.85 -17.31 0.46
CA ALA A 357 12.65 -16.48 0.29
C ALA A 357 12.91 -15.00 0.03
N ARG A 358 14.18 -14.55 0.06
N ARG A 358 14.18 -14.55 0.06
CA ARG A 358 14.52 -13.13 -0.06
CA ARG A 358 14.50 -13.12 -0.08
C ARG A 358 14.09 -12.51 -1.40
C ARG A 358 14.09 -12.51 -1.40
N LYS A 359 14.19 -13.28 -2.48
CA LYS A 359 13.83 -12.80 -3.82
C LYS A 359 12.42 -13.16 -4.25
N ALA A 360 11.66 -13.79 -3.35
CA ALA A 360 10.27 -14.15 -3.65
C ALA A 360 9.39 -12.92 -3.66
N PRO A 361 8.24 -12.99 -4.37
CA PRO A 361 7.23 -11.94 -4.18
C PRO A 361 6.90 -11.73 -2.71
N GLN A 362 6.60 -10.49 -2.35
CA GLN A 362 6.21 -10.13 -0.98
C GLN A 362 4.70 -10.23 -0.76
N PRO A 363 4.26 -10.87 0.34
CA PRO A 363 2.85 -10.97 0.60
C PRO A 363 2.29 -9.62 1.09
N GLU A 364 1.04 -9.34 0.78
CA GLU A 364 0.39 -8.10 1.17
C GLU A 364 -1.12 -8.29 1.11
N VAL A 365 -1.83 -7.95 2.18
CA VAL A 365 -3.30 -7.88 2.10
C VAL A 365 -3.71 -6.53 1.51
N ARG A 366 -4.48 -6.60 0.41
CA ARG A 366 -4.95 -5.43 -0.33
C ARG A 366 -6.48 -5.40 -0.54
N ARG A 367 -7.04 -4.22 -0.41
CA ARG A 367 -8.42 -3.95 -0.72
C ARG A 367 -8.44 -3.21 -2.06
N TYR A 368 -9.09 -3.78 -3.06
CA TYR A 368 -9.38 -3.06 -4.30
C TYR A 368 -10.84 -2.63 -4.33
N VAL A 369 -11.11 -1.51 -4.96
CA VAL A 369 -12.48 -1.03 -5.07
C VAL A 369 -12.80 -0.81 -6.54
N LEU A 370 -13.86 -1.49 -6.99
CA LEU A 370 -14.21 -1.55 -8.41
C LEU A 370 -15.49 -0.74 -8.67
N PRO A 371 -15.39 0.41 -9.37
CA PRO A 371 -16.65 1.10 -9.68
C PRO A 371 -17.52 0.33 -10.70
N LEU A 372 -18.82 0.25 -10.43
CA LEU A 372 -19.82 -0.28 -11.37
C LEU A 372 -20.42 0.85 -12.24
N ASN A 373 -20.41 2.10 -11.82
CA ASN A 373 -20.90 3.23 -12.65
C ASN A 373 -19.75 4.04 -13.26
N ILE A 374 -19.38 3.70 -14.49
CA ILE A 374 -18.32 4.41 -15.21
C ILE A 374 -18.98 5.51 -16.08
N ASP A 375 -18.87 6.77 -15.68
CA ASP A 375 -19.24 7.92 -16.54
C ASP A 375 -18.05 8.45 -17.35
N LYS A 376 -18.14 8.41 -18.67
CA LYS A 376 -17.14 9.03 -19.58
C LYS A 376 -16.72 10.46 -19.25
N ALA A 377 -17.66 11.26 -18.76
CA ALA A 377 -17.35 12.60 -18.30
C ALA A 377 -16.31 12.66 -17.15
N ASP A 378 -16.11 11.56 -16.41
CA ASP A 378 -15.02 11.47 -15.41
C ASP A 378 -13.69 10.94 -15.93
N THR A 379 -13.52 10.90 -17.25
CA THR A 379 -12.24 10.46 -17.81
C THR A 379 -11.08 11.26 -17.19
N GLY A 380 -10.05 10.55 -16.74
CA GLY A 380 -8.86 11.13 -16.10
C GLY A 380 -8.93 11.26 -14.59
N LYS A 381 -10.10 10.98 -14.01
CA LYS A 381 -10.32 11.15 -12.58
C LYS A 381 -10.46 9.82 -11.81
N ASN A 382 -10.40 9.94 -10.51
CA ASN A 382 -10.62 8.86 -9.57
C ASN A 382 -12.14 8.67 -9.36
N LEU A 383 -12.65 7.47 -9.66
CA LEU A 383 -14.08 7.14 -9.55
C LEU A 383 -14.54 6.68 -8.20
N VAL A 384 -13.58 6.30 -7.33
CA VAL A 384 -13.88 5.80 -5.99
C VAL A 384 -14.19 6.95 -5.04
N THR A 385 -15.46 7.32 -5.00
CA THR A 385 -15.99 8.42 -4.24
C THR A 385 -16.47 7.98 -2.85
N LEU A 386 -16.33 6.70 -2.49
CA LEU A 386 -16.66 6.27 -1.13
C LEU A 386 -15.82 7.00 -0.08
N PRO A 387 -16.40 7.23 1.09
CA PRO A 387 -15.76 8.05 2.08
C PRO A 387 -14.69 7.39 2.98
N ASN A 388 -14.66 6.06 3.02
N ASN A 388 -14.66 6.06 3.06
CA ASN A 388 -13.94 5.30 4.02
CA ASN A 388 -13.83 5.38 4.06
C ASN A 388 -12.79 4.45 3.45
C ASN A 388 -12.79 4.45 3.44
N THR A 389 -12.31 4.75 2.23
CA THR A 389 -11.22 4.02 1.62
C THR A 389 -10.24 4.97 0.93
N THR A 390 -8.99 4.51 0.78
CA THR A 390 -7.99 5.19 -0.05
C THR A 390 -7.71 4.48 -1.36
N ALA A 391 -8.45 3.40 -1.64
CA ALA A 391 -8.34 2.76 -2.94
C ALA A 391 -8.85 3.71 -4.03
N THR A 392 -8.23 3.63 -5.20
CA THR A 392 -8.58 4.48 -6.32
C THR A 392 -8.83 3.66 -7.57
N ALA A 393 -9.56 4.28 -8.48
CA ALA A 393 -9.81 3.69 -9.81
C ALA A 393 -9.90 4.83 -10.82
N ILE A 394 -8.97 4.85 -11.77
CA ILE A 394 -8.85 5.95 -12.68
C ILE A 394 -9.29 5.55 -14.05
N LEU A 395 -10.27 6.28 -14.58
CA LEU A 395 -10.73 6.07 -15.94
C LEU A 395 -9.83 6.73 -16.96
N CYS A 396 -9.23 5.92 -17.80
CA CYS A 396 -8.36 6.35 -18.87
C CYS A 396 -9.14 6.55 -20.18
N SER A 397 -8.51 7.23 -21.14
CA SER A 397 -9.09 7.51 -22.46
C SER A 397 -9.30 6.28 -23.31
N ASP A 398 -8.43 5.30 -23.23
CA ASP A 398 -8.69 4.00 -23.84
C ASP A 398 -9.75 3.17 -23.09
N GLU A 399 -10.32 3.70 -22.02
CA GLU A 399 -11.39 3.06 -21.25
C GLU A 399 -10.94 1.95 -20.27
N THR A 400 -9.64 1.69 -20.19
CA THR A 400 -9.12 0.98 -19.04
C THR A 400 -9.36 1.81 -17.76
N ILE A 401 -9.59 1.09 -16.67
CA ILE A 401 -9.76 1.65 -15.35
C ILE A 401 -8.58 1.15 -14.51
N TRP A 402 -7.62 2.05 -14.26
CA TRP A 402 -6.41 1.69 -13.54
C TRP A 402 -6.70 1.74 -12.03
N LEU A 403 -6.42 0.64 -11.32
CA LEU A 403 -6.71 0.56 -9.88
C LEU A 403 -5.48 0.64 -9.01
N GLU A 404 -5.63 1.30 -7.86
CA GLU A 404 -4.65 1.23 -6.78
C GLU A 404 -5.34 0.76 -5.56
N PRO A 405 -4.68 -0.08 -4.76
CA PRO A 405 -5.27 -0.64 -3.57
C PRO A 405 -5.09 0.23 -2.33
N GLU A 406 -5.92 -0.06 -1.34
CA GLU A 406 -5.70 0.29 0.03
C GLU A 406 -5.06 -0.95 0.68
N VAL A 407 -3.88 -0.78 1.26
CA VAL A 407 -3.16 -1.86 1.91
C VAL A 407 -3.71 -2.05 3.31
N LEU A 408 -4.14 -3.27 3.63
CA LEU A 408 -4.74 -3.58 4.93
C LEU A 408 -3.71 -4.15 5.91
N PHE A 409 -2.70 -4.87 5.37
CA PHE A 409 -1.66 -5.49 6.18
C PHE A 409 -0.45 -5.80 5.32
N SER A 410 0.74 -5.56 5.87
CA SER A 410 1.99 -5.73 5.15
C SER A 410 3.11 -5.92 6.16
N GLY A 411 3.77 -7.08 6.14
CA GLY A 411 4.94 -7.32 6.98
C GLY A 411 6.01 -8.07 6.16
N PRO A 412 7.31 -7.86 6.45
CA PRO A 412 8.39 -8.38 5.58
C PRO A 412 8.48 -9.91 5.53
N ARG A 413 8.04 -10.49 4.43
CA ARG A 413 7.93 -11.95 4.29
C ARG A 413 7.05 -12.58 5.38
N GLN A 414 6.11 -11.78 5.88
CA GLN A 414 5.16 -12.18 6.90
C GLN A 414 3.82 -12.16 6.21
N ALA A 415 3.38 -13.33 5.71
CA ALA A 415 2.12 -13.45 4.98
C ALA A 415 0.93 -13.64 5.90
N PHE A 416 -0.12 -12.84 5.70
CA PHE A 416 -1.42 -13.17 6.27
C PHE A 416 -2.09 -13.99 5.17
N GLU A 417 -2.18 -15.30 5.37
CA GLU A 417 -2.62 -16.24 4.33
C GLU A 417 -3.70 -17.20 4.83
N PHE A 418 -4.20 -18.04 3.93
CA PHE A 418 -5.26 -18.96 4.25
C PHE A 418 -6.37 -18.24 5.00
N PRO A 419 -6.90 -17.17 4.40
CA PRO A 419 -7.87 -16.35 5.13
C PRO A 419 -9.21 -17.07 5.31
N GLN A 420 -9.87 -16.75 6.41
CA GLN A 420 -11.18 -17.24 6.72
C GLN A 420 -11.95 -16.11 7.36
N ILE A 421 -13.26 -16.11 7.17
CA ILE A 421 -14.16 -15.14 7.83
C ILE A 421 -15.30 -15.90 8.51
N ASN A 422 -16.23 -15.18 9.12
CA ASN A 422 -17.53 -15.75 9.50
C ASN A 422 -18.35 -15.87 8.21
N TYR A 423 -18.07 -16.94 7.47
CA TYR A 423 -18.53 -17.08 6.10
C TYR A 423 -20.06 -17.21 5.98
N GLN A 424 -20.69 -17.99 6.86
CA GLN A 424 -22.14 -18.26 6.71
C GLN A 424 -23.01 -17.02 6.82
N LYS A 425 -22.61 -16.07 7.65
CA LYS A 425 -23.35 -14.83 7.83
C LYS A 425 -22.73 -13.62 7.12
N TYR A 426 -21.43 -13.62 6.79
CA TYR A 426 -20.79 -12.43 6.19
C TYR A 426 -20.13 -12.62 4.82
N GLY A 427 -20.08 -13.85 4.33
CA GLY A 427 -19.64 -14.11 2.95
C GLY A 427 -20.48 -13.34 1.94
N GLY A 428 -19.82 -12.57 1.08
CA GLY A 428 -20.46 -11.75 0.10
C GLY A 428 -21.06 -10.46 0.64
N LYS A 429 -20.82 -10.15 1.91
CA LYS A 429 -21.47 -9.04 2.61
C LYS A 429 -20.47 -8.12 3.32
N PRO A 430 -20.87 -6.87 3.59
CA PRO A 430 -20.07 -5.98 4.44
C PRO A 430 -19.59 -6.70 5.69
N TYR A 431 -18.34 -6.54 6.05
CA TYR A 431 -17.76 -7.32 7.14
C TYR A 431 -16.60 -6.53 7.74
N THR A 432 -16.07 -7.03 8.85
CA THR A 432 -15.05 -6.37 9.61
C THR A 432 -13.83 -7.23 9.92
N TYR A 433 -14.00 -8.56 10.05
CA TYR A 433 -12.94 -9.39 10.59
C TYR A 433 -12.53 -10.53 9.67
N ALA A 434 -11.21 -10.71 9.53
CA ALA A 434 -10.64 -11.89 8.89
C ALA A 434 -9.65 -12.59 9.82
N TYR A 435 -9.56 -13.92 9.69
CA TYR A 435 -8.60 -14.73 10.44
C TYR A 435 -7.67 -15.35 9.39
N GLY A 436 -6.42 -15.56 9.78
CA GLY A 436 -5.45 -16.07 8.83
C GLY A 436 -4.36 -16.87 9.50
N LEU A 437 -3.67 -17.64 8.67
CA LEU A 437 -2.46 -18.32 9.08
C LEU A 437 -1.27 -17.43 8.67
N GLY A 438 -0.41 -17.13 9.62
CA GLY A 438 0.73 -16.29 9.39
C GLY A 438 1.92 -17.12 8.96
N LEU A 439 2.45 -16.81 7.78
CA LEU A 439 3.65 -17.43 7.25
C LEU A 439 4.86 -16.54 7.45
N ASN A 440 5.99 -17.16 7.80
CA ASN A 440 7.22 -16.48 8.08
C ASN A 440 8.25 -17.08 7.14
N HIS A 441 8.53 -16.37 6.04
CA HIS A 441 9.36 -16.92 4.94
C HIS A 441 8.81 -18.29 4.51
N PHE A 442 7.48 -18.36 4.39
CA PHE A 442 6.70 -19.53 3.96
C PHE A 442 6.38 -20.56 5.07
N VAL A 443 7.00 -20.45 6.23
CA VAL A 443 6.79 -21.36 7.34
C VAL A 443 5.63 -20.87 8.17
N PRO A 444 4.59 -21.72 8.33
CA PRO A 444 3.44 -21.29 9.14
C PRO A 444 3.81 -21.29 10.61
N ASP A 445 3.79 -20.14 11.27
CA ASP A 445 4.21 -20.12 12.67
C ASP A 445 3.34 -19.32 13.62
N ARG A 446 2.14 -18.95 13.19
CA ARG A 446 1.26 -18.11 14.04
C ARG A 446 -0.12 -18.06 13.46
N LEU A 447 -1.06 -17.62 14.29
CA LEU A 447 -2.43 -17.32 13.86
C LEU A 447 -2.73 -15.85 14.02
N CYS A 448 -3.51 -15.31 13.09
CA CYS A 448 -3.75 -13.87 13.01
C CYS A 448 -5.20 -13.46 12.86
N LYS A 449 -5.53 -12.30 13.36
CA LYS A 449 -6.84 -11.71 13.15
C LYS A 449 -6.61 -10.28 12.68
N LEU A 450 -7.39 -9.87 11.68
CA LEU A 450 -7.28 -8.55 11.11
C LEU A 450 -8.64 -7.91 11.14
N ASN A 451 -8.73 -6.70 11.69
CA ASN A 451 -9.91 -5.87 11.54
C ASN A 451 -9.68 -5.11 10.25
N VAL A 452 -10.47 -5.41 9.22
CA VAL A 452 -10.26 -4.80 7.91
C VAL A 452 -10.69 -3.32 7.81
N LYS A 453 -11.43 -2.80 8.78
CA LYS A 453 -11.75 -1.33 8.85
C LYS A 453 -10.67 -0.53 9.58
N THR A 454 -10.20 -0.99 10.74
CA THR A 454 -9.20 -0.26 11.51
C THR A 454 -7.77 -0.68 11.22
N LYS A 455 -7.57 -1.79 10.55
CA LYS A 455 -6.24 -2.41 10.36
C LYS A 455 -5.55 -2.92 11.64
N GLU A 456 -6.27 -2.98 12.75
CA GLU A 456 -5.70 -3.59 13.94
C GLU A 456 -5.53 -5.11 13.71
N THR A 457 -4.50 -5.67 14.33
CA THR A 457 -4.24 -7.07 14.28
C THR A 457 -4.08 -7.68 15.68
N TRP A 458 -4.28 -9.00 15.75
CA TRP A 458 -4.05 -9.78 16.94
C TRP A 458 -3.24 -11.00 16.50
N VAL A 459 -2.35 -11.47 17.36
CA VAL A 459 -1.53 -12.64 17.04
C VAL A 459 -1.60 -13.68 18.17
N TRP A 460 -1.56 -14.95 17.79
CA TRP A 460 -1.32 -16.06 18.68
C TRP A 460 -0.11 -16.80 18.14
N GLN A 461 0.84 -17.06 19.02
CA GLN A 461 2.07 -17.73 18.60
C GLN A 461 2.78 -18.35 19.81
N GLU A 462 3.27 -19.58 19.65
CA GLU A 462 4.19 -20.19 20.61
C GLU A 462 5.43 -20.67 19.91
N PRO A 463 6.58 -20.73 20.63
CA PRO A 463 7.83 -21.19 20.00
C PRO A 463 7.70 -22.60 19.45
N ASP A 464 8.36 -22.88 18.31
CA ASP A 464 8.41 -24.24 17.77
C ASP A 464 7.01 -24.85 17.57
N SER A 465 6.06 -24.02 17.18
CA SER A 465 4.69 -24.46 16.93
C SER A 465 4.19 -23.95 15.58
N TYR A 466 3.73 -24.89 14.78
CA TYR A 466 3.39 -24.69 13.36
C TYR A 466 1.90 -24.93 13.13
N PRO A 467 1.07 -23.84 13.19
CA PRO A 467 -0.36 -24.00 13.00
C PRO A 467 -0.82 -24.21 11.57
N SER A 468 -2.10 -24.49 11.44
CA SER A 468 -2.77 -24.61 10.14
C SER A 468 -3.78 -23.47 10.01
N GLU A 469 -4.37 -23.38 8.82
CA GLU A 469 -5.49 -22.47 8.57
C GLU A 469 -6.46 -22.47 9.74
N PRO A 470 -6.85 -21.28 10.25
CA PRO A 470 -7.83 -21.20 11.35
C PRO A 470 -9.23 -21.28 10.79
N ILE A 471 -10.13 -22.03 11.40
CA ILE A 471 -11.50 -22.04 10.94
C ILE A 471 -12.38 -21.49 12.02
N PHE A 472 -13.24 -20.54 11.62
CA PHE A 472 -14.13 -19.85 12.53
C PHE A 472 -15.42 -20.61 12.71
N VAL A 473 -15.87 -20.72 13.96
CA VAL A 473 -17.17 -21.31 14.26
C VAL A 473 -17.88 -20.34 15.18
N SER A 474 -19.06 -19.92 14.75
CA SER A 474 -19.87 -18.99 15.51
C SER A 474 -20.47 -19.70 16.70
N HIS A 475 -20.60 -18.97 17.79
CA HIS A 475 -21.58 -19.37 18.78
C HIS A 475 -22.93 -19.43 18.00
N PRO A 476 -23.72 -20.53 18.17
CA PRO A 476 -24.95 -20.69 17.36
C PRO A 476 -25.98 -19.57 17.53
N ASP A 477 -26.00 -18.96 18.71
CA ASP A 477 -26.84 -17.81 19.02
C ASP A 477 -26.18 -16.41 18.90
N ALA A 478 -25.01 -16.32 18.26
CA ALA A 478 -24.30 -15.05 18.11
C ALA A 478 -25.13 -14.05 17.28
N LEU A 479 -25.11 -12.79 17.73
CA LEU A 479 -25.50 -11.64 16.92
C LEU A 479 -24.31 -10.85 16.36
N GLU A 480 -23.15 -10.93 17.00
CA GLU A 480 -21.96 -10.23 16.52
C GLU A 480 -21.08 -11.10 15.62
N GLU A 481 -20.25 -10.43 14.83
CA GLU A 481 -19.50 -11.04 13.75
C GLU A 481 -18.43 -12.02 14.25
N ASP A 482 -17.79 -11.69 15.38
CA ASP A 482 -16.65 -12.47 15.92
C ASP A 482 -16.97 -13.14 17.26
N ASP A 483 -18.24 -13.45 17.50
CA ASP A 483 -18.67 -14.14 18.72
C ASP A 483 -18.56 -15.63 18.49
N GLY A 484 -17.40 -16.20 18.76
CA GLY A 484 -17.19 -17.63 18.54
C GLY A 484 -15.76 -18.04 18.78
N VAL A 485 -15.34 -19.12 18.13
CA VAL A 485 -13.97 -19.60 18.27
C VAL A 485 -13.32 -19.83 16.93
N VAL A 486 -11.99 -19.88 16.90
CA VAL A 486 -11.29 -20.45 15.77
C VAL A 486 -10.59 -21.75 16.20
N LEU A 487 -10.54 -22.72 15.28
CA LEU A 487 -9.89 -23.98 15.46
C LEU A 487 -8.70 -24.05 14.52
N SER A 488 -7.57 -24.53 15.03
CA SER A 488 -6.40 -24.72 14.21
C SER A 488 -5.73 -26.01 14.65
N VAL A 489 -5.13 -26.74 13.70
CA VAL A 489 -4.33 -27.93 14.03
C VAL A 489 -2.87 -27.49 14.10
N VAL A 490 -2.22 -27.78 15.23
CA VAL A 490 -0.87 -27.28 15.50
C VAL A 490 0.13 -28.41 15.65
N VAL A 491 1.21 -28.34 14.87
CA VAL A 491 2.28 -29.31 14.96
C VAL A 491 3.33 -28.72 15.89
N SER A 492 3.64 -29.46 16.96
CA SER A 492 4.54 -29.01 18.03
C SER A 492 5.64 -30.05 18.34
N PRO A 493 6.66 -30.16 17.48
CA PRO A 493 7.62 -31.24 17.62
C PRO A 493 8.60 -31.10 18.78
N GLY A 494 8.75 -29.93 19.39
CA GLY A 494 9.61 -29.82 20.57
C GLY A 494 9.35 -30.96 21.54
N ALA A 495 10.44 -31.64 21.95
CA ALA A 495 10.39 -32.67 23.00
C ALA A 495 9.94 -32.05 24.34
N GLY A 496 9.31 -32.83 25.21
CA GLY A 496 8.56 -32.29 26.36
C GLY A 496 7.17 -31.72 26.03
N GLN A 497 6.72 -31.95 24.81
CA GLN A 497 5.35 -31.63 24.35
C GLN A 497 4.91 -32.85 23.56
N LYS A 498 3.61 -33.15 23.52
CA LYS A 498 3.11 -34.15 22.57
C LYS A 498 3.29 -33.65 21.12
N PRO A 499 3.28 -34.53 20.12
CA PRO A 499 3.63 -34.09 18.74
C PRO A 499 2.69 -33.06 18.02
N ALA A 500 1.43 -33.01 18.43
CA ALA A 500 0.42 -32.16 17.80
C ALA A 500 -0.77 -31.91 18.71
N TYR A 501 -1.57 -30.92 18.36
CA TYR A 501 -2.78 -30.64 19.10
C TYR A 501 -3.78 -29.79 18.32
N LEU A 502 -5.04 -29.95 18.67
CA LEU A 502 -6.05 -29.10 18.18
C LEU A 502 -6.12 -27.89 19.10
N LEU A 503 -6.05 -26.70 18.52
CA LEU A 503 -6.06 -25.44 19.30
C LEU A 503 -7.42 -24.76 19.15
N ILE A 504 -8.00 -24.33 20.25
CA ILE A 504 -9.21 -23.54 20.22
C ILE A 504 -8.93 -22.18 20.84
N LEU A 505 -9.12 -21.11 20.05
CA LEU A 505 -8.88 -19.73 20.47
C LEU A 505 -10.21 -19.03 20.46
N ASN A 506 -10.38 -18.07 21.36
CA ASN A 506 -11.51 -17.16 21.31
C ASN A 506 -11.34 -16.19 20.12
N ALA A 507 -12.37 -16.06 19.29
CA ALA A 507 -12.31 -15.22 18.12
C ALA A 507 -12.20 -13.71 18.40
N LYS A 508 -12.64 -13.25 19.58
CA LYS A 508 -12.58 -11.82 19.93
C LYS A 508 -11.17 -11.29 19.96
N ASP A 509 -10.29 -12.02 20.65
CA ASP A 509 -8.92 -11.55 20.91
C ASP A 509 -7.84 -12.59 20.69
N LEU A 510 -8.20 -13.73 20.09
CA LEU A 510 -7.28 -14.83 19.90
C LEU A 510 -6.61 -15.37 21.20
N SER A 511 -7.27 -15.22 22.34
CA SER A 511 -6.78 -15.87 23.55
C SER A 511 -7.19 -17.35 23.57
N GLU A 512 -6.32 -18.18 24.12
CA GLU A 512 -6.52 -19.63 24.16
C GLU A 512 -7.65 -19.99 25.11
N VAL A 513 -8.54 -20.85 24.64
CA VAL A 513 -9.64 -21.41 25.41
C VAL A 513 -9.33 -22.87 25.80
N ALA A 514 -8.70 -23.62 24.90
CA ALA A 514 -8.40 -25.03 25.15
C ALA A 514 -7.44 -25.58 24.11
N ARG A 515 -6.84 -26.72 24.42
CA ARG A 515 -6.19 -27.52 23.41
C ARG A 515 -6.39 -28.99 23.71
N ALA A 516 -6.36 -29.79 22.64
CA ALA A 516 -6.61 -31.21 22.68
C ALA A 516 -5.42 -31.93 22.04
N GLU A 517 -4.51 -32.45 22.87
CA GLU A 517 -3.26 -33.06 22.37
C GLU A 517 -3.43 -34.49 21.86
N VAL A 518 -2.71 -34.83 20.80
CA VAL A 518 -2.67 -36.20 20.29
C VAL A 518 -1.22 -36.72 20.31
N GLU A 519 -1.06 -38.04 20.33
CA GLU A 519 0.25 -38.65 20.60
C GLU A 519 1.01 -39.03 19.34
N ILE A 520 0.49 -38.68 18.17
CA ILE A 520 1.14 -38.94 16.89
C ILE A 520 1.37 -37.62 16.12
N ASN A 521 2.32 -37.63 15.17
CA ASN A 521 2.55 -36.48 14.30
C ASN A 521 1.37 -36.25 13.34
N ILE A 522 1.22 -34.99 12.93
CA ILE A 522 0.28 -34.59 11.89
C ILE A 522 1.08 -33.78 10.87
N PRO A 523 0.98 -34.12 9.58
CA PRO A 523 1.65 -33.27 8.63
C PRO A 523 0.85 -31.99 8.30
N VAL A 524 1.41 -31.19 7.39
CA VAL A 524 0.76 -29.99 6.90
C VAL A 524 -0.65 -30.33 6.36
N THR A 525 -1.61 -29.45 6.66
CA THR A 525 -2.91 -29.43 6.01
C THR A 525 -3.18 -28.05 5.44
N PHE A 526 -3.98 -28.02 4.37
CA PHE A 526 -4.26 -26.82 3.63
C PHE A 526 -5.59 -26.20 4.00
N HIS A 527 -6.67 -26.86 3.61
CA HIS A 527 -8.00 -26.33 3.85
C HIS A 527 -8.95 -27.35 4.47
N GLY A 528 -10.07 -26.85 4.92
CA GLY A 528 -11.10 -27.70 5.50
C GLY A 528 -12.36 -26.97 5.90
N LEU A 529 -13.15 -27.61 6.74
CA LEU A 529 -14.42 -27.02 7.20
C LEU A 529 -14.81 -27.62 8.53
N PHE A 530 -15.75 -26.95 9.17
CA PHE A 530 -16.38 -27.46 10.38
C PHE A 530 -17.78 -27.91 10.01
N LYS A 531 -18.09 -29.17 10.27
CA LYS A 531 -19.39 -29.75 9.96
C LYS A 531 -20.14 -29.83 11.27
N LYS A 532 -21.17 -29.02 11.42
CA LYS A 532 -21.99 -29.00 12.64
C LYS A 532 -22.80 -30.27 12.69
N SER A 533 -22.95 -30.86 13.87
CA SER A 533 -23.87 -31.97 14.03
C SER A 533 -24.71 -31.77 15.28
CA MET B 1 -2.73 10.30 11.51
C MET B 1 -3.88 10.98 10.80
N SER B 2 -5.05 10.39 10.91
CA SER B 2 -6.25 11.03 10.33
C SER B 2 -6.85 12.11 11.27
N SER B 3 -7.64 13.00 10.68
CA SER B 3 -8.41 13.99 11.40
C SER B 3 -9.65 13.31 12.05
N GLN B 4 -10.09 13.86 13.18
CA GLN B 4 -11.33 13.43 13.89
C GLN B 4 -12.34 14.60 13.99
N VAL B 5 -12.29 15.53 13.03
CA VAL B 5 -12.98 16.80 13.15
C VAL B 5 -13.57 17.19 11.78
N GLU B 6 -14.79 17.75 11.83
CA GLU B 6 -15.42 18.42 10.70
C GLU B 6 -15.30 19.93 10.89
N HIS B 7 -15.58 20.67 9.83
CA HIS B 7 -15.36 22.12 9.80
C HIS B 7 -16.60 22.88 9.26
N PRO B 8 -17.80 22.56 9.81
CA PRO B 8 -19.02 23.22 9.31
C PRO B 8 -19.01 24.74 9.49
N ALA B 9 -18.35 25.28 10.54
CA ALA B 9 -18.27 26.75 10.69
C ALA B 9 -17.45 27.49 9.62
N GLY B 10 -16.66 26.77 8.81
CA GLY B 10 -15.99 27.35 7.65
C GLY B 10 -14.82 28.29 7.93
N GLY B 11 -14.23 28.19 9.12
CA GLY B 11 -13.18 29.12 9.54
C GLY B 11 -11.89 29.06 8.73
N TYR B 12 -11.66 27.92 8.06
CA TYR B 12 -10.56 27.77 7.11
C TYR B 12 -10.54 28.86 6.03
N LYS B 13 -11.66 29.55 5.79
CA LYS B 13 -11.67 30.66 4.81
C LYS B 13 -10.72 31.77 5.19
N LYS B 14 -10.45 31.93 6.49
CA LYS B 14 -9.50 32.94 6.97
C LYS B 14 -8.04 32.71 6.51
N LEU B 15 -7.72 31.49 6.08
CA LEU B 15 -6.44 31.17 5.48
C LEU B 15 -6.26 31.89 4.17
N PHE B 16 -7.36 32.26 3.51
CA PHE B 16 -7.33 32.84 2.17
C PHE B 16 -7.87 34.27 2.11
N GLU B 17 -7.74 35.02 3.19
CA GLU B 17 -8.24 36.37 3.30
C GLU B 17 -7.08 37.34 3.42
N THR B 18 -7.08 38.37 2.58
CA THR B 18 -6.10 39.44 2.67
C THR B 18 -5.81 39.98 4.10
N VAL B 19 -4.54 40.24 4.38
CA VAL B 19 -4.12 40.91 5.63
C VAL B 19 -3.23 42.10 5.31
N GLU B 20 -3.06 42.95 6.31
CA GLU B 20 -2.13 44.07 6.23
C GLU B 20 -0.76 43.70 6.84
N GLU B 21 0.32 44.22 6.26
CA GLU B 21 1.63 44.09 6.92
C GLU B 21 1.73 44.94 8.21
N LEU B 22 2.78 44.70 8.99
CA LEU B 22 3.03 45.48 10.20
C LEU B 22 4.18 46.44 9.95
N SER B 23 4.18 47.59 10.62
CA SER B 23 5.34 48.50 10.53
C SER B 23 6.44 48.08 11.47
N SER B 24 6.11 47.36 12.54
CA SER B 24 7.15 46.76 13.42
C SER B 24 6.58 45.58 14.26
N PRO B 25 7.45 44.84 14.99
CA PRO B 25 6.94 43.61 15.65
C PRO B 25 5.88 43.80 16.74
N LEU B 26 4.92 42.87 16.83
CA LEU B 26 3.98 42.75 17.95
C LEU B 26 4.49 41.76 18.98
N THR B 27 4.11 41.99 20.24
CA THR B 27 4.23 40.98 21.26
C THR B 27 3.18 39.91 21.07
N ALA B 28 3.61 38.66 21.26
CA ALA B 28 2.72 37.51 21.24
C ALA B 28 2.56 37.03 22.68
N HIS B 29 1.33 36.76 23.07
CA HIS B 29 1.01 36.48 24.46
C HIS B 29 1.16 34.98 24.70
N VAL B 30 2.14 34.64 25.52
CA VAL B 30 2.53 33.26 25.80
C VAL B 30 1.64 32.60 26.84
N THR B 31 1.12 31.40 26.55
CA THR B 31 0.64 30.46 27.59
C THR B 31 1.49 29.20 27.52
N GLY B 32 1.72 28.56 28.66
CA GLY B 32 2.70 27.50 28.79
C GLY B 32 4.09 28.11 28.84
N ARG B 33 5.09 27.32 28.47
CA ARG B 33 6.47 27.72 28.55
C ARG B 33 7.27 27.58 27.23
N ILE B 34 7.62 28.73 26.64
CA ILE B 34 8.50 28.75 25.47
C ILE B 34 9.86 28.23 25.93
N PRO B 35 10.41 27.18 25.28
CA PRO B 35 11.72 26.66 25.77
C PRO B 35 12.82 27.73 25.81
N LEU B 36 13.63 27.73 26.88
CA LEU B 36 14.62 28.80 27.04
C LEU B 36 15.83 28.66 26.11
N TRP B 37 16.04 27.46 25.61
CA TRP B 37 17.07 27.16 24.58
C TRP B 37 16.65 27.55 23.15
N LEU B 38 15.40 27.93 22.98
CA LEU B 38 14.87 28.32 21.67
C LEU B 38 15.14 29.80 21.42
N THR B 39 16.19 30.05 20.62
CA THR B 39 16.69 31.40 20.39
C THR B 39 16.93 31.56 18.88
N GLY B 40 16.16 32.46 18.25
CA GLY B 40 16.19 32.62 16.81
C GLY B 40 14.85 33.05 16.24
N SER B 41 14.68 32.82 14.95
CA SER B 41 13.56 33.32 14.17
C SER B 41 12.95 32.20 13.34
N LEU B 42 11.64 32.03 13.43
CA LEU B 42 10.94 31.15 12.52
C LEU B 42 10.53 32.05 11.37
N LEU B 43 11.06 31.80 10.19
CA LEU B 43 10.72 32.55 8.96
C LEU B 43 9.86 31.69 8.03
N ARG B 44 8.72 32.22 7.59
CA ARG B 44 7.80 31.50 6.68
C ARG B 44 7.23 32.40 5.60
N CYS B 45 6.95 31.83 4.44
CA CYS B 45 6.33 32.53 3.32
C CYS B 45 4.94 31.97 2.99
N GLY B 46 4.09 32.85 2.49
CA GLY B 46 2.78 32.51 2.01
C GLY B 46 2.13 33.67 1.28
N PRO B 47 0.96 33.43 0.67
CA PRO B 47 0.23 34.53 0.05
C PRO B 47 -0.38 35.39 1.14
N GLY B 48 -0.39 36.69 0.92
CA GLY B 48 -1.00 37.63 1.87
C GLY B 48 -1.99 38.64 1.29
N LEU B 49 -1.93 38.85 -0.02
CA LEU B 49 -2.85 39.77 -0.70
C LEU B 49 -3.54 39.00 -1.84
N PHE B 50 -4.84 38.80 -1.71
CA PHE B 50 -5.56 37.87 -2.59
C PHE B 50 -6.40 38.57 -3.64
N GLU B 51 -6.30 39.90 -3.63
CA GLU B 51 -6.83 40.72 -4.72
C GLU B 51 -6.11 42.07 -4.78
N VAL B 52 -6.13 42.68 -5.97
CA VAL B 52 -5.59 44.01 -6.20
C VAL B 52 -6.77 44.93 -6.57
N GLY B 53 -7.30 45.60 -5.56
CA GLY B 53 -8.53 46.34 -5.68
C GLY B 53 -9.72 45.42 -5.86
N SER B 54 -10.29 45.46 -7.05
CA SER B 54 -11.42 44.68 -7.41
C SER B 54 -11.03 43.54 -8.38
N GLU B 55 -9.75 43.43 -8.76
CA GLU B 55 -9.28 42.34 -9.61
C GLU B 55 -8.82 41.20 -8.67
N PRO B 56 -9.45 40.01 -8.77
CA PRO B 56 -9.13 38.91 -7.84
C PRO B 56 -8.00 38.04 -8.36
N PHE B 57 -7.21 37.48 -7.45
CA PHE B 57 -6.38 36.31 -7.78
C PHE B 57 -7.27 35.04 -7.65
N TYR B 58 -7.06 34.06 -8.53
CA TYR B 58 -7.93 32.85 -8.60
C TYR B 58 -7.39 31.59 -7.90
N HIS B 59 -6.05 31.41 -7.89
CA HIS B 59 -5.43 30.18 -7.40
C HIS B 59 -4.72 30.40 -6.10
N LEU B 60 -4.61 29.31 -5.34
CA LEU B 60 -3.88 29.29 -4.09
C LEU B 60 -2.46 29.85 -4.17
N PHE B 61 -1.80 29.72 -5.31
CA PHE B 61 -0.40 30.05 -5.48
C PHE B 61 -0.18 31.40 -6.21
N ASP B 62 -1.20 32.27 -6.17
CA ASP B 62 -1.25 33.55 -6.87
C ASP B 62 -1.14 34.77 -5.97
N GLY B 63 -1.67 34.69 -4.76
CA GLY B 63 -1.58 35.79 -3.81
C GLY B 63 -0.18 36.29 -3.57
N GLN B 64 -0.05 37.59 -3.26
CA GLN B 64 1.25 38.22 -3.19
C GLN B 64 2.06 37.82 -1.96
N ALA B 65 3.31 37.45 -2.18
CA ALA B 65 4.18 36.97 -1.13
C ALA B 65 4.28 37.89 0.06
N LEU B 66 4.11 37.25 1.22
CA LEU B 66 4.18 37.83 2.54
C LEU B 66 5.21 37.02 3.36
N LEU B 67 6.21 37.70 3.91
CA LEU B 67 7.26 37.09 4.73
C LEU B 67 6.93 37.30 6.20
N HIS B 68 6.83 36.20 6.93
CA HIS B 68 6.46 36.18 8.34
C HIS B 68 7.64 35.86 9.22
N LYS B 69 7.67 36.39 10.45
CA LYS B 69 8.76 36.08 11.39
C LYS B 69 8.24 36.02 12.80
N PHE B 70 8.46 34.87 13.46
CA PHE B 70 8.32 34.78 14.91
C PHE B 70 9.72 34.74 15.50
N ASP B 71 10.01 35.65 16.44
CA ASP B 71 11.28 35.70 17.15
C ASP B 71 11.13 35.17 18.57
N PHE B 72 12.11 34.38 18.98
CA PHE B 72 12.13 33.72 20.27
C PHE B 72 13.39 34.14 21.01
N LYS B 73 13.21 34.71 22.21
CA LYS B 73 14.33 35.00 23.09
C LYS B 73 13.88 35.00 24.54
N GLU B 74 14.59 34.23 25.37
CA GLU B 74 14.38 34.20 26.83
C GLU B 74 12.92 34.01 27.22
N GLY B 75 12.25 33.13 26.46
CA GLY B 75 10.86 32.75 26.71
C GLY B 75 9.77 33.72 26.29
N HIS B 76 10.14 34.70 25.47
CA HIS B 76 9.26 35.76 24.98
C HIS B 76 9.24 35.65 23.47
N VAL B 77 8.17 36.13 22.85
CA VAL B 77 7.95 35.96 21.41
C VAL B 77 7.38 37.22 20.78
N THR B 78 7.92 37.55 19.60
CA THR B 78 7.36 38.60 18.78
C THR B 78 6.97 38.05 17.42
N TYR B 79 6.03 38.75 16.79
CA TYR B 79 5.57 38.42 15.46
C TYR B 79 5.69 39.66 14.57
N HIS B 80 6.13 39.45 13.33
CA HIS B 80 6.30 40.52 12.37
C HIS B 80 6.08 39.98 10.96
N ARG B 81 5.58 40.83 10.08
CA ARG B 81 5.40 40.47 8.70
C ARG B 81 5.44 41.67 7.76
N ARG B 82 5.99 41.42 6.57
CA ARG B 82 6.13 42.39 5.50
C ARG B 82 5.90 41.73 4.15
N PHE B 83 5.23 42.44 3.26
CA PHE B 83 5.15 42.01 1.90
C PHE B 83 6.54 42.10 1.25
N ILE B 84 6.86 41.11 0.44
CA ILE B 84 8.10 41.09 -0.29
C ILE B 84 7.88 42.04 -1.46
N ARG B 85 8.82 42.97 -1.65
CA ARG B 85 8.73 43.97 -2.73
C ARG B 85 9.25 43.38 -4.04
N THR B 86 8.49 42.46 -4.57
CA THR B 86 8.86 41.79 -5.81
C THR B 86 8.44 42.72 -6.93
N ASP B 87 8.88 42.45 -8.15
CA ASP B 87 8.28 43.15 -9.32
C ASP B 87 6.75 43.05 -9.34
N ALA B 88 6.23 41.84 -9.12
CA ALA B 88 4.79 41.61 -9.18
C ALA B 88 4.06 42.49 -8.21
N TYR B 89 4.56 42.53 -6.96
CA TYR B 89 3.92 43.34 -5.93
C TYR B 89 4.03 44.88 -6.16
N VAL B 90 5.25 45.33 -6.43
CA VAL B 90 5.57 46.76 -6.63
C VAL B 90 4.79 47.33 -7.82
N ARG B 91 4.78 46.61 -8.92
CA ARG B 91 4.07 47.01 -10.11
C ARG B 91 2.54 46.96 -9.91
N ALA B 92 2.04 46.00 -9.15
CA ALA B 92 0.63 46.02 -8.78
C ALA B 92 0.28 47.23 -7.91
N MET B 93 1.11 47.57 -6.93
CA MET B 93 0.86 48.77 -6.10
C MET B 93 0.98 50.06 -6.95
N THR B 94 1.93 50.12 -7.86
CA THR B 94 2.11 51.25 -8.76
C THR B 94 0.89 51.42 -9.68
N GLU B 95 0.51 50.36 -10.39
CA GLU B 95 -0.54 50.46 -11.39
C GLU B 95 -1.95 50.23 -10.86
N LYS B 96 -2.07 49.88 -9.57
CA LYS B 96 -3.36 49.55 -8.93
C LYS B 96 -4.22 48.51 -9.69
N ARG B 97 -3.54 47.51 -10.26
CA ARG B 97 -4.17 46.38 -10.90
C ARG B 97 -3.19 45.17 -10.89
N ILE B 98 -3.61 44.04 -11.42
CA ILE B 98 -2.73 42.88 -11.56
C ILE B 98 -1.90 43.06 -12.82
N VAL B 99 -0.58 43.20 -12.66
CA VAL B 99 0.31 43.47 -13.80
C VAL B 99 1.00 42.25 -14.35
N ILE B 100 1.48 41.38 -13.47
CA ILE B 100 2.20 40.17 -13.87
C ILE B 100 1.24 38.97 -13.75
N THR B 101 1.25 38.11 -14.75
CA THR B 101 0.48 36.87 -14.72
C THR B 101 1.06 35.93 -13.62
N GLU B 102 0.17 35.47 -12.75
CA GLU B 102 0.50 34.50 -11.70
C GLU B 102 0.13 33.08 -12.17
N PHE B 103 0.52 32.12 -11.35
CA PHE B 103 0.31 30.71 -11.62
C PHE B 103 -1.06 30.38 -12.24
N GLY B 104 -2.12 30.84 -11.60
CA GLY B 104 -3.48 30.65 -12.10
C GLY B 104 -4.30 31.91 -12.30
N THR B 105 -3.63 33.05 -12.57
CA THR B 105 -4.35 34.30 -12.81
C THR B 105 -3.67 35.05 -13.93
N CYS B 106 -4.36 35.15 -15.06
CA CYS B 106 -3.82 35.87 -16.22
C CYS B 106 -3.98 37.37 -15.99
N ALA B 107 -2.91 38.12 -16.22
CA ALA B 107 -2.98 39.59 -16.14
C ALA B 107 -3.37 40.14 -17.51
N PHE B 108 -4.31 41.07 -17.56
CA PHE B 108 -4.72 41.66 -18.83
C PHE B 108 -3.99 43.01 -18.97
N PRO B 109 -3.76 43.53 -20.22
CA PRO B 109 -3.10 44.86 -20.32
C PRO B 109 -4.09 46.02 -20.22
N GLU B 127 6.90 38.01 -19.61
CA GLU B 127 7.16 38.46 -18.21
C GLU B 127 6.83 37.44 -17.06
N VAL B 128 7.87 36.78 -16.58
CA VAL B 128 7.75 35.68 -15.62
C VAL B 128 7.57 36.23 -14.20
N THR B 129 6.62 35.66 -13.45
CA THR B 129 6.41 36.08 -12.05
C THR B 129 7.61 35.80 -11.16
N ASP B 130 7.81 36.71 -10.21
CA ASP B 130 8.85 36.57 -9.21
C ASP B 130 8.20 36.63 -7.84
N ASN B 131 6.90 36.28 -7.79
CA ASN B 131 6.11 36.30 -6.56
C ASN B 131 6.58 35.16 -5.63
N ALA B 132 7.48 35.48 -4.69
CA ALA B 132 8.22 34.46 -3.90
C ALA B 132 7.46 34.00 -2.66
N LEU B 133 6.31 33.38 -2.90
CA LEU B 133 5.35 33.12 -1.83
C LEU B 133 5.52 31.77 -1.13
N VAL B 134 6.45 30.96 -1.59
CA VAL B 134 6.51 29.53 -1.27
C VAL B 134 7.49 29.18 -0.16
N ASN B 135 8.73 29.63 -0.26
CA ASN B 135 9.75 29.22 0.72
C ASN B 135 10.88 30.27 0.86
N ILE B 136 11.74 30.04 1.84
CA ILE B 136 12.91 30.84 2.07
C ILE B 136 14.06 29.90 2.45
N TYR B 137 15.26 30.14 1.90
CA TYR B 137 16.45 29.34 2.17
C TYR B 137 17.75 30.13 2.17
N PRO B 138 18.78 29.63 2.89
CA PRO B 138 20.08 30.27 2.93
C PRO B 138 21.00 29.88 1.75
N VAL B 139 21.69 30.89 1.21
CA VAL B 139 22.83 30.72 0.32
C VAL B 139 23.94 31.62 0.87
N GLY B 140 25.11 31.05 1.18
CA GLY B 140 26.20 31.80 1.84
C GLY B 140 25.64 32.45 3.09
N GLU B 141 25.83 33.77 3.24
CA GLU B 141 25.27 34.52 4.40
C GLU B 141 23.96 35.20 4.08
N ASP B 142 23.39 34.95 2.90
CA ASP B 142 22.12 35.56 2.45
C ASP B 142 20.90 34.62 2.59
N TYR B 143 19.71 35.21 2.55
CA TYR B 143 18.47 34.44 2.56
C TYR B 143 17.69 34.84 1.35
N TYR B 144 17.11 33.84 0.68
CA TYR B 144 16.28 34.05 -0.48
C TYR B 144 14.88 33.47 -0.28
N ALA B 145 13.86 34.31 -0.51
CA ALA B 145 12.51 33.89 -0.76
C ALA B 145 12.41 33.40 -2.20
N CYS B 146 11.60 32.36 -2.43
CA CYS B 146 11.41 31.83 -3.76
C CYS B 146 10.00 31.40 -4.06
N THR B 147 9.76 31.25 -5.36
CA THR B 147 8.66 30.47 -5.91
C THR B 147 9.34 29.36 -6.70
N GLU B 148 8.90 29.06 -7.90
CA GLU B 148 9.52 27.99 -8.69
C GLU B 148 10.04 28.45 -10.05
N THR B 149 10.15 29.76 -10.24
CA THR B 149 10.60 30.33 -11.52
C THR B 149 12.11 30.63 -11.47
N ASN B 150 12.59 31.35 -12.48
CA ASN B 150 13.99 31.77 -12.55
C ASN B 150 14.39 32.90 -11.57
N PHE B 151 13.40 33.59 -11.01
CA PHE B 151 13.60 34.68 -10.07
C PHE B 151 13.48 34.29 -8.59
N ILE B 152 14.54 34.55 -7.82
CA ILE B 152 14.50 34.45 -6.37
C ILE B 152 14.81 35.83 -5.80
N THR B 153 14.34 36.09 -4.59
CA THR B 153 14.37 37.41 -4.01
C THR B 153 15.16 37.38 -2.72
N LYS B 154 16.30 38.09 -2.71
CA LYS B 154 17.09 38.29 -1.51
C LYS B 154 16.33 39.15 -0.48
N VAL B 155 16.24 38.67 0.75
CA VAL B 155 15.52 39.37 1.82
C VAL B 155 16.37 39.45 3.07
N ASN B 156 16.08 40.44 3.89
CA ASN B 156 16.79 40.66 5.14
C ASN B 156 16.04 39.89 6.25
N PRO B 157 16.72 38.91 6.88
CA PRO B 157 16.01 38.04 7.82
C PRO B 157 15.67 38.69 9.17
N GLU B 158 16.25 39.85 9.45
CA GLU B 158 15.98 40.58 10.68
C GLU B 158 14.93 41.65 10.54
N THR B 159 14.98 42.41 9.45
CA THR B 159 14.01 43.51 9.22
C THR B 159 12.87 43.11 8.28
N LEU B 160 13.08 42.03 7.51
CA LEU B 160 12.15 41.58 6.48
C LEU B 160 12.09 42.52 5.27
N GLU B 161 13.10 43.38 5.12
CA GLU B 161 13.16 44.22 3.93
C GLU B 161 13.59 43.39 2.75
N THR B 162 13.14 43.82 1.58
CA THR B 162 13.48 43.19 0.32
C THR B 162 14.78 43.82 -0.20
N ILE B 163 15.75 43.02 -0.60
CA ILE B 163 17.06 43.53 -0.94
C ILE B 163 17.20 43.60 -2.46
N LYS B 164 17.03 42.45 -3.13
CA LYS B 164 17.07 42.44 -4.58
C LYS B 164 16.48 41.21 -5.21
N GLN B 165 16.24 41.35 -6.51
CA GLN B 165 15.82 40.27 -7.38
C GLN B 165 17.05 39.64 -8.00
N VAL B 166 17.10 38.31 -8.03
CA VAL B 166 18.21 37.56 -8.67
C VAL B 166 17.61 36.69 -9.73
N ASP B 167 18.13 36.78 -10.95
CA ASP B 167 17.65 36.01 -12.09
C ASP B 167 18.65 34.88 -12.21
N LEU B 168 18.20 33.65 -11.93
CA LEU B 168 19.10 32.50 -11.99
C LEU B 168 19.63 32.22 -13.37
N CYS B 169 18.87 32.58 -14.40
CA CYS B 169 19.36 32.44 -15.78
C CYS B 169 20.62 33.24 -16.11
N ASN B 170 20.92 34.30 -15.36
CA ASN B 170 22.17 35.02 -15.49
C ASN B 170 23.38 34.20 -15.10
N TYR B 171 23.15 33.08 -14.40
CA TYR B 171 24.22 32.28 -13.80
C TYR B 171 24.34 30.83 -14.30
N VAL B 172 23.22 30.17 -14.62
CA VAL B 172 23.21 28.75 -14.95
C VAL B 172 22.09 28.50 -15.90
N SER B 173 22.19 27.37 -16.58
CA SER B 173 21.26 27.02 -17.64
C SER B 173 20.06 26.22 -17.08
N VAL B 174 19.08 26.94 -16.55
CA VAL B 174 17.79 26.36 -16.13
C VAL B 174 16.72 27.38 -16.40
N ASN B 175 15.49 26.95 -16.63
CA ASN B 175 14.36 27.88 -16.80
C ASN B 175 13.68 28.24 -15.50
N GLY B 176 13.90 27.43 -14.49
CA GLY B 176 13.45 27.75 -13.17
C GLY B 176 14.12 26.76 -12.24
N ALA B 177 13.82 26.87 -10.95
CA ALA B 177 14.31 25.94 -9.98
C ALA B 177 13.24 25.78 -8.90
N THR B 178 13.24 24.62 -8.23
CA THR B 178 12.19 24.35 -7.25
C THR B 178 12.32 25.23 -6.03
N ALA B 179 11.28 25.22 -5.22
CA ALA B 179 11.33 25.87 -3.91
C ALA B 179 11.89 24.96 -2.81
N HIS B 180 12.46 23.80 -3.18
CA HIS B 180 12.98 22.84 -2.19
C HIS B 180 14.40 22.42 -2.47
N PRO B 181 15.34 23.38 -2.47
CA PRO B 181 16.76 22.96 -2.56
C PRO B 181 17.17 22.16 -1.34
N HIS B 182 18.11 21.24 -1.51
CA HIS B 182 18.75 20.60 -0.37
C HIS B 182 19.97 21.43 0.05
N ILE B 183 20.21 21.47 1.35
CA ILE B 183 21.24 22.29 1.93
C ILE B 183 22.10 21.38 2.80
N GLU B 184 23.31 21.06 2.33
CA GLU B 184 24.28 20.28 3.13
C GLU B 184 24.82 21.09 4.33
N ASN B 185 25.42 20.41 5.31
CA ASN B 185 25.81 21.13 6.55
C ASN B 185 26.90 22.23 6.37
N ASP B 186 27.78 22.08 5.38
CA ASP B 186 28.74 23.14 5.04
C ASP B 186 28.15 24.34 4.25
N GLY B 187 26.87 24.29 3.88
CA GLY B 187 26.17 25.39 3.19
C GLY B 187 26.03 25.22 1.70
N THR B 188 26.62 24.16 1.15
CA THR B 188 26.40 23.76 -0.23
C THR B 188 24.91 23.57 -0.49
N VAL B 189 24.43 24.10 -1.61
CA VAL B 189 23.01 24.11 -1.97
C VAL B 189 22.84 23.38 -3.28
N TYR B 190 21.93 22.42 -3.30
CA TYR B 190 21.59 21.70 -4.52
C TYR B 190 20.15 21.99 -4.86
N ASN B 191 19.87 22.09 -6.15
CA ASN B 191 18.51 22.25 -6.62
C ASN B 191 18.35 21.62 -7.99
N ILE B 192 17.11 21.55 -8.47
CA ILE B 192 16.81 20.97 -9.78
C ILE B 192 15.86 21.90 -10.50
N GLY B 193 15.97 21.95 -11.84
CA GLY B 193 15.14 22.80 -12.69
C GLY B 193 14.98 22.21 -14.09
N ASN B 194 13.86 22.54 -14.75
CA ASN B 194 13.66 22.23 -16.17
C ASN B 194 14.68 23.01 -16.98
N CYS B 195 15.22 22.39 -18.02
CA CYS B 195 16.08 23.07 -18.98
C CYS B 195 15.53 22.86 -20.39
N PHE B 196 15.14 23.95 -21.07
CA PHE B 196 14.48 23.94 -22.43
C PHE B 196 15.44 24.24 -23.60
N ILE B 202 15.73 19.14 -24.17
CA ILE B 202 14.97 19.15 -22.94
C ILE B 202 15.57 18.16 -21.91
N ALA B 203 15.90 18.70 -20.74
CA ALA B 203 16.48 17.92 -19.67
C ALA B 203 16.05 18.50 -18.31
N TYR B 204 16.50 17.86 -17.23
CA TYR B 204 16.37 18.40 -15.90
C TYR B 204 17.75 18.49 -15.33
N ASN B 205 18.15 19.69 -14.90
CA ASN B 205 19.53 19.92 -14.48
C ASN B 205 19.61 20.06 -12.97
N ILE B 206 20.61 19.45 -12.37
CA ILE B 206 20.95 19.68 -10.99
C ILE B 206 21.95 20.86 -10.90
N VAL B 207 21.54 21.93 -10.22
CA VAL B 207 22.38 23.10 -9.95
C VAL B 207 23.05 22.91 -8.59
N LYS B 208 24.34 23.24 -8.50
CA LYS B 208 25.10 23.24 -7.25
C LYS B 208 25.62 24.64 -6.98
N ILE B 209 25.29 25.18 -5.81
CA ILE B 209 25.80 26.45 -5.35
C ILE B 209 26.76 26.17 -4.19
N PRO B 210 28.03 26.60 -4.29
CA PRO B 210 28.98 26.25 -3.24
C PRO B 210 28.81 27.07 -1.97
N PRO B 211 29.43 26.61 -0.87
CA PRO B 211 29.44 27.43 0.35
C PRO B 211 30.23 28.74 0.15
N LEU B 212 29.98 29.73 1.01
CA LEU B 212 30.74 30.98 0.99
C LEU B 212 32.21 30.66 1.21
N GLN B 213 33.09 31.17 0.34
CA GLN B 213 34.55 30.93 0.49
C GLN B 213 35.23 32.14 1.17
N ALA B 214 36.53 32.02 1.39
CA ALA B 214 37.32 33.10 1.98
C ALA B 214 37.31 34.41 1.12
N ASP B 215 37.30 34.30 -0.21
CA ASP B 215 37.18 35.50 -1.08
C ASP B 215 35.88 36.28 -0.86
N LYS B 216 34.84 35.62 -0.35
CA LYS B 216 33.60 36.28 0.08
C LYS B 216 32.73 36.83 -1.07
N GLU B 217 33.02 36.45 -2.31
CA GLU B 217 32.14 36.69 -3.46
C GLU B 217 30.83 35.91 -3.31
N ASP B 218 29.78 36.44 -3.92
CA ASP B 218 28.47 35.85 -3.85
C ASP B 218 28.55 34.42 -4.42
N PRO B 219 28.25 33.39 -3.59
CA PRO B 219 28.30 32.00 -4.06
C PRO B 219 27.43 31.70 -5.29
N ILE B 220 26.38 32.49 -5.54
CA ILE B 220 25.57 32.33 -6.77
C ILE B 220 26.40 32.52 -8.04
N SER B 221 27.39 33.41 -8.04
CA SER B 221 28.28 33.57 -9.20
C SER B 221 29.18 32.34 -9.43
N LYS B 222 29.27 31.43 -8.46
CA LYS B 222 29.99 30.17 -8.69
C LYS B 222 29.09 28.94 -8.93
N SER B 223 27.81 29.16 -9.24
CA SER B 223 26.87 28.06 -9.52
C SER B 223 27.28 27.31 -10.75
N GLU B 224 26.97 26.03 -10.77
CA GLU B 224 27.21 25.18 -11.92
C GLU B 224 26.21 24.02 -12.01
N ILE B 225 25.98 23.55 -13.22
CA ILE B 225 25.25 22.34 -13.45
C ILE B 225 26.21 21.19 -13.21
N VAL B 226 25.91 20.29 -12.27
CA VAL B 226 26.76 19.10 -12.05
C VAL B 226 26.29 17.82 -12.74
N VAL B 227 24.99 17.66 -12.93
CA VAL B 227 24.48 16.49 -13.64
C VAL B 227 23.14 16.80 -14.25
N GLN B 228 22.79 16.01 -15.23
CA GLN B 228 21.61 16.22 -16.02
C GLN B 228 20.80 14.90 -16.12
N PHE B 229 19.49 15.00 -15.90
CA PHE B 229 18.58 13.88 -16.01
C PHE B 229 17.88 13.97 -17.36
N PRO B 230 17.65 12.83 -18.01
CA PRO B 230 16.90 12.84 -19.27
C PRO B 230 15.40 13.01 -19.05
N CYS B 231 14.69 13.35 -20.11
CA CYS B 231 13.27 13.58 -20.09
C CYS B 231 12.53 12.50 -20.90
N SER B 232 11.36 12.08 -20.41
CA SER B 232 10.59 10.98 -21.03
C SER B 232 9.98 11.34 -22.37
N ASP B 233 9.77 12.64 -22.57
CA ASP B 233 9.09 13.15 -23.73
C ASP B 233 9.94 14.32 -24.21
N ARG B 234 10.37 14.23 -25.46
CA ARG B 234 11.21 15.25 -26.08
C ARG B 234 10.71 16.68 -25.88
N PHE B 235 9.39 16.90 -26.01
CA PHE B 235 8.78 18.23 -25.95
C PHE B 235 7.88 18.51 -24.74
N LYS B 236 7.83 17.58 -23.77
CA LYS B 236 6.98 17.76 -22.58
C LYS B 236 7.70 17.36 -21.29
N PRO B 237 8.38 18.30 -20.64
CA PRO B 237 8.98 17.99 -19.34
C PRO B 237 7.93 17.81 -18.23
N SER B 238 8.25 16.97 -17.25
CA SER B 238 7.40 16.83 -16.09
C SER B 238 7.55 18.02 -15.17
N TYR B 239 6.46 18.37 -14.53
CA TYR B 239 6.48 19.25 -13.38
C TYR B 239 7.33 18.63 -12.27
N VAL B 240 8.23 19.41 -11.69
CA VAL B 240 9.09 18.95 -10.62
C VAL B 240 9.05 19.92 -9.46
N HIS B 241 8.78 19.41 -8.28
CA HIS B 241 8.57 20.18 -7.08
C HIS B 241 9.67 20.01 -6.04
N SER B 242 10.30 18.85 -6.01
CA SER B 242 11.33 18.51 -5.04
C SER B 242 12.11 17.30 -5.57
N PHE B 243 13.15 16.93 -4.83
CA PHE B 243 14.00 15.79 -5.21
C PHE B 243 14.71 15.26 -3.98
N GLY B 244 15.33 14.11 -4.16
CA GLY B 244 16.02 13.46 -3.02
C GLY B 244 17.52 13.51 -3.10
N LEU B 245 18.17 13.51 -1.96
CA LEU B 245 19.61 13.62 -1.90
C LEU B 245 20.19 12.79 -0.73
N THR B 246 21.27 12.08 -1.00
CA THR B 246 22.00 11.31 0.02
C THR B 246 23.46 11.73 -0.14
N PRO B 247 24.36 11.22 0.73
CA PRO B 247 25.78 11.54 0.55
C PRO B 247 26.27 11.23 -0.87
N ASN B 248 25.80 10.11 -1.45
CA ASN B 248 26.32 9.60 -2.71
C ASN B 248 25.39 9.64 -3.89
N TYR B 249 24.10 9.90 -3.68
CA TYR B 249 23.16 9.87 -4.79
C TYR B 249 22.17 10.99 -4.79
N ILE B 250 21.65 11.23 -5.98
CA ILE B 250 20.58 12.18 -6.23
C ILE B 250 19.43 11.39 -6.82
N VAL B 251 18.20 11.63 -6.32
CA VAL B 251 17.02 10.88 -6.78
C VAL B 251 16.00 11.86 -7.33
N PHE B 252 15.56 11.60 -8.55
CA PHE B 252 14.61 12.45 -9.22
C PHE B 252 13.40 11.62 -9.67
N VAL B 253 12.18 12.07 -9.34
CA VAL B 253 10.96 11.32 -9.65
C VAL B 253 10.21 12.03 -10.76
N GLU B 254 10.18 11.43 -11.95
CA GLU B 254 9.52 12.00 -13.10
C GLU B 254 8.06 11.51 -13.18
N THR B 255 7.13 12.42 -12.91
CA THR B 255 5.72 12.07 -12.79
C THR B 255 4.96 12.31 -14.08
N PRO B 256 3.71 11.80 -14.14
CA PRO B 256 2.93 12.00 -15.35
C PRO B 256 2.28 13.37 -15.52
N VAL B 257 2.51 14.31 -14.61
CA VAL B 257 2.05 15.68 -14.78
C VAL B 257 3.09 16.41 -15.67
N LYS B 258 2.65 16.78 -16.88
CA LYS B 258 3.52 17.37 -17.89
C LYS B 258 3.21 18.84 -18.17
N ILE B 259 4.25 19.58 -18.54
CA ILE B 259 4.13 20.97 -18.97
C ILE B 259 4.13 20.94 -20.48
N ASN B 260 3.05 21.41 -21.09
CA ASN B 260 2.94 21.39 -22.54
C ASN B 260 3.66 22.61 -23.07
N LEU B 261 4.85 22.38 -23.64
CA LEU B 261 5.69 23.47 -24.16
C LEU B 261 5.11 24.19 -25.37
N PHE B 262 4.30 23.52 -26.19
CA PHE B 262 3.61 24.18 -27.30
C PHE B 262 2.69 25.29 -26.76
N LYS B 263 1.80 24.97 -25.83
CA LYS B 263 0.99 26.02 -25.15
C LYS B 263 1.82 26.97 -24.27
N PHE B 264 2.96 26.51 -23.71
CA PHE B 264 3.80 27.35 -22.78
C PHE B 264 4.47 28.54 -23.50
N LEU B 265 5.25 28.23 -24.55
CA LEU B 265 6.08 29.21 -25.29
C LEU B 265 5.32 30.17 -26.24
N SER B 266 4.08 29.83 -26.61
CA SER B 266 3.23 30.73 -27.41
C SER B 266 2.78 31.94 -26.57
N GLY B 272 -4.69 34.95 -23.78
CA GLY B 272 -4.51 35.09 -22.34
C GLY B 272 -4.44 33.77 -21.57
N ALA B 273 -3.29 33.08 -21.64
CA ALA B 273 -3.03 31.89 -20.84
C ALA B 273 -2.26 32.19 -19.53
N ASN B 274 -2.42 31.30 -18.57
CA ASN B 274 -1.61 31.31 -17.36
C ASN B 274 -0.82 30.01 -17.27
N TYR B 275 -0.11 29.83 -16.14
CA TYR B 275 0.75 28.66 -15.98
C TYR B 275 -0.10 27.37 -15.87
N MET B 276 -1.17 27.40 -15.07
CA MET B 276 -2.12 26.29 -14.96
C MET B 276 -2.59 25.78 -16.32
N ASP B 277 -2.83 26.68 -17.27
CA ASP B 277 -3.26 26.27 -18.62
C ASP B 277 -2.26 25.43 -19.38
N CYS B 278 -1.02 25.34 -18.92
CA CYS B 278 -0.03 24.58 -19.66
C CYS B 278 0.12 23.14 -19.19
N PHE B 279 -0.53 22.75 -18.10
CA PHE B 279 -0.37 21.37 -17.58
C PHE B 279 -1.27 20.39 -18.26
N GLU B 280 -0.78 19.18 -18.46
CA GLU B 280 -1.61 18.05 -18.92
C GLU B 280 -1.09 16.75 -18.29
N SER B 281 -1.89 15.70 -18.35
CA SER B 281 -1.55 14.44 -17.70
C SER B 281 -1.25 13.41 -18.76
N ASN B 282 -0.07 12.79 -18.69
CA ASN B 282 0.22 11.65 -19.53
C ASN B 282 -0.36 10.41 -18.88
N GLU B 283 -1.30 9.79 -19.59
CA GLU B 283 -2.04 8.62 -19.08
C GLU B 283 -1.25 7.31 -19.06
N THR B 284 -0.24 7.15 -19.89
CA THR B 284 0.35 5.83 -20.10
C THR B 284 1.72 5.65 -19.50
N MET B 285 2.46 6.73 -19.20
CA MET B 285 3.85 6.56 -18.75
C MET B 285 4.02 6.06 -17.29
N GLY B 286 3.04 6.26 -16.43
CA GLY B 286 3.22 6.04 -15.00
C GLY B 286 4.26 7.01 -14.45
N VAL B 287 5.05 6.52 -13.52
CA VAL B 287 6.11 7.29 -12.89
C VAL B 287 7.44 6.61 -13.22
N TRP B 288 8.40 7.43 -13.68
CA TRP B 288 9.77 6.98 -13.93
C TRP B 288 10.68 7.54 -12.83
N LEU B 289 11.48 6.69 -12.20
CA LEU B 289 12.39 7.18 -11.17
C LEU B 289 13.81 7.09 -11.69
N HIS B 290 14.61 8.07 -11.29
CA HIS B 290 15.96 8.28 -11.82
C HIS B 290 16.94 8.48 -10.68
N ILE B 291 18.13 7.88 -10.79
CA ILE B 291 19.19 8.18 -9.85
C ILE B 291 20.43 8.67 -10.59
N ALA B 292 21.19 9.52 -9.91
CA ALA B 292 22.50 9.93 -10.41
C ALA B 292 23.48 9.75 -9.31
N ASP B 293 24.70 9.45 -9.70
CA ASP B 293 25.87 9.41 -8.81
C ASP B 293 26.30 10.86 -8.45
N LYS B 294 26.18 11.25 -7.19
CA LYS B 294 26.45 12.62 -6.78
C LYS B 294 27.93 13.01 -6.99
N LYS B 295 28.83 12.15 -6.53
CA LYS B 295 30.26 12.47 -6.51
C LYS B 295 30.96 12.29 -7.86
N ARG B 296 30.55 11.29 -8.62
CA ARG B 296 31.10 11.11 -9.95
C ARG B 296 30.33 11.89 -10.98
N LYS B 297 29.25 12.58 -10.56
CA LYS B 297 28.46 13.48 -11.42
C LYS B 297 27.95 12.77 -12.69
N LYS B 298 27.32 11.62 -12.54
CA LYS B 298 26.97 10.75 -13.66
C LYS B 298 25.53 10.22 -13.49
N TYR B 299 24.72 10.33 -14.53
CA TYR B 299 23.41 9.68 -14.60
C TYR B 299 23.57 8.16 -14.67
N ILE B 300 22.78 7.43 -13.91
CA ILE B 300 22.82 5.97 -13.91
C ILE B 300 21.62 5.45 -14.70
N ASN B 301 21.88 4.66 -15.74
CA ASN B 301 20.81 4.30 -16.66
C ASN B 301 20.01 3.08 -16.14
N ASN B 302 19.28 3.26 -15.04
CA ASN B 302 18.45 2.20 -14.47
C ASN B 302 17.04 2.69 -14.67
N LYS B 303 16.23 1.90 -15.37
CA LYS B 303 14.87 2.25 -15.76
C LYS B 303 13.86 1.81 -14.70
N TYR B 304 13.83 2.57 -13.60
CA TYR B 304 12.90 2.31 -12.52
C TYR B 304 11.53 2.82 -12.98
N ARG B 305 10.50 1.99 -12.79
CA ARG B 305 9.15 2.31 -13.24
C ARG B 305 8.13 1.92 -12.20
N THR B 306 7.07 2.72 -12.06
CA THR B 306 5.93 2.30 -11.26
C THR B 306 4.64 2.99 -11.74
N SER B 307 3.55 2.76 -11.00
CA SER B 307 2.23 3.28 -11.35
C SER B 307 2.14 4.80 -11.17
N PRO B 308 1.10 5.41 -11.71
CA PRO B 308 1.03 6.89 -11.69
C PRO B 308 0.66 7.50 -10.33
N PHE B 309 1.39 8.56 -9.98
CA PHE B 309 1.06 9.41 -8.84
C PHE B 309 1.56 10.81 -9.10
N ASN B 310 0.92 11.80 -8.49
CA ASN B 310 1.53 13.13 -8.29
C ASN B 310 2.49 13.03 -7.07
N LEU B 311 3.56 13.81 -7.12
CA LEU B 311 4.49 13.96 -6.02
C LEU B 311 4.84 15.44 -5.90
N PHE B 312 4.67 15.98 -4.70
CA PHE B 312 5.18 17.29 -4.36
C PHE B 312 6.42 17.17 -3.46
N HIS B 313 6.28 16.47 -2.35
CA HIS B 313 7.34 16.44 -1.34
C HIS B 313 7.95 15.10 -1.10
N HIS B 314 9.25 15.01 -1.37
CA HIS B 314 10.06 13.94 -0.81
C HIS B 314 10.10 14.14 0.72
N ILE B 315 10.15 13.05 1.49
CA ILE B 315 10.27 13.13 2.97
C ILE B 315 11.75 13.07 3.35
N ASN B 316 12.39 11.98 2.96
CA ASN B 316 13.81 11.77 3.18
C ASN B 316 14.24 10.63 2.28
N THR B 317 15.53 10.56 2.03
CA THR B 317 16.13 9.55 1.21
C THR B 317 17.38 9.07 1.89
N TYR B 318 17.72 7.78 1.79
CA TYR B 318 18.97 7.29 2.37
C TYR B 318 19.41 5.96 1.76
N GLU B 319 20.66 5.57 2.07
CA GLU B 319 21.32 4.41 1.51
C GLU B 319 21.35 3.33 2.56
N ASP B 320 21.02 2.10 2.15
CA ASP B 320 21.03 0.96 3.08
C ASP B 320 21.49 -0.25 2.28
N HIS B 321 22.72 -0.67 2.54
CA HIS B 321 23.40 -1.74 1.78
C HIS B 321 23.19 -1.67 0.28
N GLU B 322 23.45 -0.54 -0.34
CA GLU B 322 23.24 -0.50 -1.81
C GLU B 322 21.78 -0.74 -2.36
N PHE B 323 20.89 -0.21 -1.55
CA PHE B 323 19.55 0.12 -1.96
C PHE B 323 19.35 1.57 -1.54
N LEU B 324 18.63 2.32 -2.35
CA LEU B 324 18.13 3.62 -1.91
C LEU B 324 16.69 3.50 -1.41
N ILE B 325 16.48 4.03 -0.19
CA ILE B 325 15.22 4.10 0.44
C ILE B 325 14.65 5.49 0.14
N VAL B 326 13.52 5.54 -0.54
CA VAL B 326 12.94 6.77 -1.04
C VAL B 326 11.53 6.94 -0.43
N ASP B 327 11.44 7.77 0.61
CA ASP B 327 10.17 8.04 1.29
C ASP B 327 9.48 9.27 0.69
N LEU B 328 8.22 9.11 0.26
CA LEU B 328 7.49 10.10 -0.53
C LEU B 328 6.08 10.35 -0.03
N CYS B 329 5.63 11.59 -0.15
CA CYS B 329 4.23 11.95 -0.02
C CYS B 329 3.56 11.91 -1.40
N CYS B 330 2.80 10.84 -1.68
CA CYS B 330 2.21 10.61 -2.99
C CYS B 330 0.75 10.99 -3.02
N TRP B 331 0.27 11.24 -4.23
CA TRP B 331 -1.15 11.40 -4.52
C TRP B 331 -1.50 10.41 -5.65
N LYS B 332 -2.35 9.44 -5.35
CA LYS B 332 -2.59 8.29 -6.23
C LYS B 332 -3.51 8.69 -7.38
N GLY B 333 -2.93 8.75 -8.58
CA GLY B 333 -3.60 9.18 -9.78
C GLY B 333 -2.70 10.04 -10.66
N PHE B 334 -3.16 10.32 -11.86
CA PHE B 334 -2.40 11.17 -12.77
C PHE B 334 -2.99 12.58 -12.98
N GLU B 335 -4.24 12.80 -12.56
CA GLU B 335 -4.78 14.14 -12.57
C GLU B 335 -3.96 15.04 -11.65
N PHE B 336 -3.74 16.27 -12.10
CA PHE B 336 -2.93 17.23 -11.36
C PHE B 336 -3.67 17.71 -10.14
N VAL B 337 -3.09 17.46 -8.97
CA VAL B 337 -3.72 17.85 -7.70
C VAL B 337 -3.97 19.37 -7.63
N TYR B 338 -3.16 20.16 -8.32
CA TYR B 338 -3.33 21.62 -8.27
C TYR B 338 -4.67 22.11 -8.86
N ASN B 339 -5.34 21.28 -9.67
CA ASN B 339 -6.70 21.58 -10.13
C ASN B 339 -7.71 21.76 -9.00
N TYR B 340 -7.45 21.19 -7.83
CA TYR B 340 -8.39 21.26 -6.71
C TYR B 340 -8.09 22.41 -5.82
N LEU B 341 -7.13 23.27 -6.19
CA LEU B 341 -6.65 24.33 -5.27
C LEU B 341 -6.91 25.76 -5.77
N TYR B 342 -7.95 25.94 -6.60
CA TYR B 342 -8.46 27.27 -6.88
C TYR B 342 -9.10 27.83 -5.62
N LEU B 343 -8.95 29.13 -5.37
CA LEU B 343 -9.47 29.74 -4.14
C LEU B 343 -10.98 29.62 -4.01
N ALA B 344 -11.68 29.72 -5.15
CA ALA B 344 -13.14 29.62 -5.15
C ALA B 344 -13.60 28.24 -4.58
N ASN B 345 -12.84 27.18 -4.86
CA ASN B 345 -13.11 25.86 -4.29
C ASN B 345 -12.70 25.75 -2.82
N LEU B 346 -11.52 26.27 -2.47
CA LEU B 346 -11.09 26.27 -1.09
C LEU B 346 -11.92 27.18 -0.16
N ARG B 347 -12.66 28.13 -0.73
CA ARG B 347 -13.54 29.01 0.05
C ARG B 347 -14.99 28.56 0.17
N GLU B 348 -15.35 27.42 -0.43
CA GLU B 348 -16.71 26.89 -0.30
C GLU B 348 -16.97 26.40 1.11
N ASN B 349 -18.24 26.15 1.38
CA ASN B 349 -18.65 25.58 2.66
C ASN B 349 -18.22 24.10 2.75
N TRP B 350 -18.20 23.58 3.96
CA TRP B 350 -17.52 22.33 4.26
C TRP B 350 -18.03 21.13 3.48
N GLU B 351 -19.36 20.99 3.37
CA GLU B 351 -19.97 19.86 2.62
C GLU B 351 -19.57 19.88 1.17
N GLU B 352 -19.45 21.08 0.61
CA GLU B 352 -19.00 21.28 -0.77
C GLU B 352 -17.49 21.01 -0.95
N VAL B 353 -16.67 21.45 -0.01
CA VAL B 353 -15.21 21.12 -0.01
C VAL B 353 -15.01 19.59 -0.03
N LYS B 354 -15.73 18.87 0.85
CA LYS B 354 -15.63 17.42 0.87
C LYS B 354 -16.07 16.82 -0.45
N LYS B 355 -17.22 17.24 -0.96
CA LYS B 355 -17.71 16.75 -2.26
C LYS B 355 -16.71 16.97 -3.40
N ASN B 356 -16.13 18.15 -3.47
CA ASN B 356 -15.18 18.50 -4.55
C ASN B 356 -13.94 17.67 -4.47
N ALA B 357 -13.54 17.24 -3.28
CA ALA B 357 -12.34 16.42 -3.17
C ALA B 357 -12.54 14.91 -3.42
N ARG B 358 -13.78 14.47 -3.61
N ARG B 358 -13.78 14.44 -3.56
CA ARG B 358 -14.11 13.03 -3.73
CA ARG B 358 -14.00 13.00 -3.63
C ARG B 358 -13.43 12.34 -4.91
C ARG B 358 -13.44 12.33 -4.90
N LYS B 359 -13.31 13.05 -6.03
CA LYS B 359 -12.68 12.49 -7.24
C LYS B 359 -11.22 12.81 -7.40
N ALA B 360 -10.64 13.48 -6.41
CA ALA B 360 -9.22 13.84 -6.46
C ALA B 360 -8.36 12.61 -6.23
N PRO B 361 -7.10 12.63 -6.71
CA PRO B 361 -6.13 11.62 -6.26
C PRO B 361 -6.11 11.52 -4.74
N GLN B 362 -5.90 10.29 -4.26
CA GLN B 362 -5.80 10.01 -2.82
C GLN B 362 -4.37 10.14 -2.31
N PRO B 363 -4.17 10.85 -1.17
CA PRO B 363 -2.83 10.94 -0.63
C PRO B 363 -2.39 9.63 0.03
N GLU B 364 -1.10 9.35 0.00
CA GLU B 364 -0.54 8.15 0.62
C GLU B 364 0.96 8.33 0.81
N VAL B 365 1.46 8.07 2.02
CA VAL B 365 2.90 8.03 2.24
C VAL B 365 3.42 6.64 1.83
N ARG B 366 4.41 6.65 0.93
CA ARG B 366 4.99 5.43 0.35
C ARG B 366 6.53 5.42 0.44
N ARG B 367 7.05 4.26 0.76
CA ARG B 367 8.47 4.00 0.75
C ARG B 367 8.76 3.17 -0.50
N TYR B 368 9.60 3.71 -1.39
CA TYR B 368 10.13 2.92 -2.51
C TYR B 368 11.54 2.48 -2.20
N VAL B 369 11.92 1.31 -2.69
CA VAL B 369 13.29 0.83 -2.51
C VAL B 369 13.91 0.53 -3.85
N LEU B 370 15.01 1.21 -4.13
CA LEU B 370 15.66 1.19 -5.47
C LEU B 370 16.96 0.37 -5.41
N PRO B 371 17.00 -0.81 -6.04
CA PRO B 371 18.30 -1.53 -6.05
C PRO B 371 19.36 -0.84 -6.91
N LEU B 372 20.58 -0.74 -6.36
CA LEU B 372 21.72 -0.22 -7.11
C LEU B 372 22.49 -1.30 -7.90
N ASN B 373 22.49 -2.53 -7.42
CA ASN B 373 23.13 -3.68 -8.13
C ASN B 373 22.09 -4.56 -8.83
N ILE B 374 21.91 -4.33 -10.12
CA ILE B 374 21.02 -5.11 -10.95
C ILE B 374 21.83 -6.26 -11.60
N ASP B 375 21.62 -7.50 -11.13
CA ASP B 375 22.15 -8.70 -11.84
C ASP B 375 21.13 -9.30 -12.83
N LYS B 376 21.49 -9.34 -14.11
CA LYS B 376 20.70 -10.01 -15.15
C LYS B 376 20.21 -11.42 -14.84
N ALA B 377 21.01 -12.19 -14.13
CA ALA B 377 20.61 -13.51 -13.68
C ALA B 377 19.36 -13.49 -12.75
N ASP B 378 19.04 -12.35 -12.14
CA ASP B 378 17.77 -12.20 -11.37
C ASP B 378 16.57 -11.71 -12.17
N THR B 379 16.67 -11.74 -13.49
CA THR B 379 15.54 -11.35 -14.32
C THR B 379 14.27 -12.13 -13.90
N GLY B 380 13.18 -11.40 -13.71
CA GLY B 380 11.88 -11.95 -13.30
C GLY B 380 11.65 -12.02 -11.80
N LYS B 381 12.67 -11.71 -11.02
CA LYS B 381 12.59 -11.80 -9.57
C LYS B 381 12.58 -10.42 -8.90
N ASN B 382 12.27 -10.46 -7.59
CA ASN B 382 12.31 -9.31 -6.72
C ASN B 382 13.74 -9.10 -6.23
N LEU B 383 14.31 -7.91 -6.49
CA LEU B 383 15.70 -7.57 -6.12
C LEU B 383 15.87 -7.02 -4.73
N VAL B 384 14.75 -6.59 -4.10
CA VAL B 384 14.79 -6.03 -2.76
C VAL B 384 14.90 -7.13 -1.70
N THR B 385 16.16 -7.47 -1.40
CA THR B 385 16.50 -8.54 -0.47
C THR B 385 16.69 -8.03 0.95
N LEU B 386 16.47 -6.73 1.21
CA LEU B 386 16.53 -6.21 2.59
C LEU B 386 15.52 -6.89 3.50
N PRO B 387 15.86 -7.02 4.78
CA PRO B 387 15.05 -7.80 5.70
C PRO B 387 13.83 -7.09 6.32
N ASN B 388 13.77 -5.76 6.28
CA ASN B 388 12.77 -5.01 7.05
C ASN B 388 11.85 -4.16 6.20
N THR B 389 11.61 -4.55 4.95
CA THR B 389 10.67 -3.84 4.07
C THR B 389 9.82 -4.84 3.28
N THR B 390 8.63 -4.40 2.85
CA THR B 390 7.82 -5.11 1.85
C THR B 390 7.82 -4.46 0.48
N ALA B 391 8.61 -3.42 0.31
CA ALA B 391 8.80 -2.83 -1.01
C ALA B 391 9.50 -3.86 -1.92
N THR B 392 9.13 -3.84 -3.20
CA THR B 392 9.68 -4.75 -4.17
C THR B 392 10.16 -4.01 -5.41
N ALA B 393 11.05 -4.66 -6.14
CA ALA B 393 11.55 -4.16 -7.41
C ALA B 393 11.85 -5.34 -8.32
N ILE B 394 11.14 -5.42 -9.42
CA ILE B 394 11.19 -6.58 -10.26
C ILE B 394 11.89 -6.27 -11.54
N LEU B 395 12.94 -7.02 -11.83
CA LEU B 395 13.68 -6.90 -13.06
C LEU B 395 12.98 -7.62 -14.22
N CYS B 396 12.56 -6.85 -15.20
CA CYS B 396 11.95 -7.37 -16.38
C CYS B 396 12.99 -7.62 -17.50
N SER B 397 12.57 -8.35 -18.55
CA SER B 397 13.41 -8.70 -19.69
C SER B 397 13.80 -7.52 -20.54
N ASP B 398 12.91 -6.55 -20.71
CA ASP B 398 13.29 -5.28 -21.34
C ASP B 398 14.18 -4.40 -20.45
N GLU B 399 14.53 -4.86 -19.24
CA GLU B 399 15.41 -4.16 -18.32
C GLU B 399 14.77 -3.01 -17.52
N THR B 400 13.47 -2.77 -17.71
CA THR B 400 12.73 -1.98 -16.74
C THR B 400 12.72 -2.73 -15.40
N ILE B 401 12.73 -1.95 -14.32
CA ILE B 401 12.65 -2.45 -12.96
C ILE B 401 11.33 -1.90 -12.41
N TRP B 402 10.34 -2.77 -12.29
CA TRP B 402 9.01 -2.39 -11.84
C TRP B 402 8.99 -2.35 -10.31
N LEU B 403 8.59 -1.21 -9.74
CA LEU B 403 8.59 -1.04 -8.28
C LEU B 403 7.21 -1.07 -7.66
N GLU B 404 7.12 -1.67 -6.47
CA GLU B 404 5.93 -1.56 -5.62
C GLU B 404 6.37 -1.02 -4.31
N PRO B 405 5.56 -0.13 -3.70
CA PRO B 405 5.88 0.48 -2.45
C PRO B 405 5.48 -0.30 -1.24
N GLU B 406 6.11 0.06 -0.13
CA GLU B 406 5.62 -0.22 1.20
C GLU B 406 4.89 1.04 1.64
N VAL B 407 3.60 0.89 1.97
CA VAL B 407 2.77 2.02 2.37
C VAL B 407 3.03 2.27 3.85
N LEU B 408 3.38 3.51 4.18
CA LEU B 408 3.73 3.86 5.55
C LEU B 408 2.51 4.47 6.29
N PHE B 409 1.66 5.18 5.54
CA PHE B 409 0.48 5.84 6.08
C PHE B 409 -0.51 6.12 4.96
N SER B 410 -1.79 5.90 5.25
CA SER B 410 -2.87 6.00 4.30
C SER B 410 -4.17 6.28 5.06
N GLY B 411 -4.84 7.39 4.79
CA GLY B 411 -6.15 7.69 5.36
C GLY B 411 -7.03 8.39 4.32
N PRO B 412 -8.37 8.19 4.36
CA PRO B 412 -9.27 8.66 3.27
C PRO B 412 -9.33 10.17 3.13
N ARG B 413 -8.68 10.68 2.11
CA ARG B 413 -8.54 12.14 1.91
C ARG B 413 -7.88 12.83 3.09
N GLN B 414 -7.07 12.07 3.81
CA GLN B 414 -6.33 12.53 4.99
C GLN B 414 -4.87 12.47 4.57
N ALA B 415 -4.34 13.61 4.11
CA ALA B 415 -2.96 13.69 3.64
C ALA B 415 -1.98 13.95 4.75
N PHE B 416 -0.93 13.17 4.82
CA PHE B 416 0.23 13.51 5.64
C PHE B 416 1.13 14.28 4.65
N GLU B 417 1.18 15.61 4.80
CA GLU B 417 1.82 16.48 3.82
C GLU B 417 2.78 17.47 4.49
N PHE B 418 3.44 18.27 3.67
CA PHE B 418 4.45 19.22 4.13
C PHE B 418 5.36 18.55 5.12
N PRO B 419 5.99 17.44 4.70
CA PRO B 419 6.80 16.67 5.67
C PRO B 419 8.08 17.38 6.05
N GLN B 420 8.50 17.15 7.28
CA GLN B 420 9.74 17.67 7.83
C GLN B 420 10.35 16.58 8.68
N ILE B 421 11.67 16.59 8.77
CA ILE B 421 12.42 15.69 9.65
C ILE B 421 13.39 16.50 10.50
N ASN B 422 14.19 15.83 11.34
CA ASN B 422 15.35 16.45 11.97
C ASN B 422 16.43 16.51 10.89
N TYR B 423 16.32 17.54 10.06
CA TYR B 423 17.05 17.59 8.79
C TYR B 423 18.57 17.70 8.96
N GLN B 424 19.02 18.53 9.90
CA GLN B 424 20.46 18.81 10.03
C GLN B 424 21.30 17.59 10.40
N LYS B 425 20.72 16.69 11.17
CA LYS B 425 21.40 15.47 11.56
C LYS B 425 20.93 14.21 10.79
N TYR B 426 19.72 14.18 10.22
CA TYR B 426 19.22 12.95 9.55
C TYR B 426 18.86 13.06 8.07
N GLY B 427 18.93 14.27 7.50
CA GLY B 427 18.80 14.43 6.06
C GLY B 427 19.79 13.58 5.27
N GLY B 428 19.29 12.77 4.35
CA GLY B 428 20.11 11.87 3.56
C GLY B 428 20.59 10.64 4.28
N LYS B 429 20.08 10.40 5.49
CA LYS B 429 20.60 9.34 6.37
C LYS B 429 19.45 8.45 6.91
N PRO B 430 19.79 7.21 7.31
CA PRO B 430 18.85 6.36 8.03
C PRO B 430 18.13 7.15 9.15
N TYR B 431 16.82 6.98 9.26
CA TYR B 431 16.05 7.82 10.16
C TYR B 431 14.79 7.07 10.55
N THR B 432 14.05 7.63 11.50
CA THR B 432 12.88 7.00 12.08
C THR B 432 11.63 7.89 12.06
N TYR B 433 11.77 9.21 12.15
CA TYR B 433 10.62 10.07 12.40
C TYR B 433 10.42 11.15 11.31
N ALA B 434 9.17 11.30 10.90
CA ALA B 434 8.75 12.47 10.12
C ALA B 434 7.58 13.18 10.78
N TYR B 435 7.52 14.49 10.59
CA TYR B 435 6.44 15.35 11.07
C TYR B 435 5.75 15.90 9.83
N GLY B 436 4.45 16.14 9.95
CA GLY B 436 3.68 16.58 8.81
C GLY B 436 2.51 17.43 9.20
N LEU B 437 1.99 18.16 8.22
CA LEU B 437 0.71 18.82 8.31
C LEU B 437 -0.35 17.89 7.73
N GLY B 438 -1.39 17.65 8.49
CA GLY B 438 -2.48 16.79 8.08
C GLY B 438 -3.54 17.59 7.37
N LEU B 439 -3.83 17.21 6.14
CA LEU B 439 -4.90 17.81 5.36
C LEU B 439 -6.13 16.91 5.35
N ASN B 440 -7.30 17.54 5.43
CA ASN B 440 -8.58 16.87 5.50
C ASN B 440 -9.39 17.40 4.34
N HIS B 441 -9.45 16.65 3.24
CA HIS B 441 -10.03 17.12 1.98
C HIS B 441 -9.40 18.46 1.58
N PHE B 442 -8.07 18.52 1.72
CA PHE B 442 -7.21 19.69 1.41
C PHE B 442 -7.12 20.78 2.49
N VAL B 443 -7.97 20.72 3.52
CA VAL B 443 -8.00 21.71 4.58
C VAL B 443 -7.02 21.28 5.66
N PRO B 444 -6.04 22.13 5.98
CA PRO B 444 -5.07 21.75 7.01
C PRO B 444 -5.71 21.84 8.38
N ASP B 445 -5.83 20.73 9.10
CA ASP B 445 -6.52 20.77 10.39
C ASP B 445 -5.85 20.03 11.54
N ARG B 446 -4.59 19.65 11.38
CA ARG B 446 -3.90 18.86 12.43
C ARG B 446 -2.44 18.78 12.15
N LEU B 447 -1.68 18.39 13.16
CA LEU B 447 -0.27 18.08 13.03
C LEU B 447 -0.03 16.62 13.33
N CYS B 448 0.93 16.02 12.61
CA CYS B 448 1.18 14.58 12.65
C CYS B 448 2.62 14.20 12.82
N LYS B 449 2.84 13.05 13.45
CA LYS B 449 4.16 12.46 13.54
C LYS B 449 4.03 11.01 13.12
N LEU B 450 4.97 10.54 12.30
CA LEU B 450 4.97 9.19 11.80
C LEU B 450 6.30 8.56 12.13
N ASN B 451 6.28 7.39 12.76
CA ASN B 451 7.44 6.57 12.91
C ASN B 451 7.51 5.73 11.65
N VAL B 452 8.49 5.99 10.79
CA VAL B 452 8.55 5.31 9.49
C VAL B 452 8.98 3.84 9.55
N LYS B 453 9.53 3.37 10.69
CA LYS B 453 9.81 1.93 10.89
C LYS B 453 8.63 1.14 11.45
N THR B 454 7.93 1.65 12.46
CA THR B 454 6.81 0.95 13.05
C THR B 454 5.45 1.33 12.48
N LYS B 455 5.39 2.42 11.71
CA LYS B 455 4.11 2.99 11.23
C LYS B 455 3.18 3.57 12.32
N GLU B 456 3.67 3.69 13.55
CA GLU B 456 2.88 4.38 14.56
C GLU B 456 2.75 5.88 14.21
N THR B 457 1.60 6.46 14.57
CA THR B 457 1.36 7.87 14.38
C THR B 457 0.92 8.56 15.66
N TRP B 458 1.10 9.87 15.70
CA TRP B 458 0.64 10.73 16.79
C TRP B 458 -0.05 11.90 16.13
N VAL B 459 -1.10 12.42 16.76
CA VAL B 459 -1.85 13.56 16.22
C VAL B 459 -2.00 14.64 17.28
N TRP B 460 -1.94 15.89 16.82
CA TRP B 460 -2.35 17.04 17.59
C TRP B 460 -3.42 17.75 16.78
N GLN B 461 -4.52 18.08 17.44
CA GLN B 461 -5.62 18.70 16.75
C GLN B 461 -6.58 19.37 17.73
N GLU B 462 -7.03 20.59 17.41
CA GLU B 462 -8.12 21.23 18.13
C GLU B 462 -9.21 21.66 17.15
N PRO B 463 -10.48 21.75 17.63
CA PRO B 463 -11.57 22.21 16.78
C PRO B 463 -11.31 23.59 16.18
N ASP B 464 -11.74 23.81 14.94
CA ASP B 464 -11.65 25.13 14.31
C ASP B 464 -10.23 25.75 14.35
N SER B 465 -9.21 24.89 14.21
CA SER B 465 -7.82 25.30 14.21
C SER B 465 -7.06 24.75 13.00
N TYR B 466 -6.46 25.64 12.25
CA TYR B 466 -5.85 25.37 10.94
C TYR B 466 -4.33 25.60 10.98
N PRO B 467 -3.53 24.55 11.27
CA PRO B 467 -2.07 24.70 11.37
C PRO B 467 -1.35 24.83 10.03
N SER B 468 -0.06 25.11 10.13
CA SER B 468 0.85 25.14 9.01
C SER B 468 1.86 24.00 9.15
N GLU B 469 2.69 23.84 8.12
CA GLU B 469 3.83 22.94 8.15
C GLU B 469 4.57 23.04 9.51
N PRO B 470 4.85 21.90 10.15
CA PRO B 470 5.60 21.89 11.40
C PRO B 470 7.08 21.93 11.11
N ILE B 471 7.88 22.73 11.83
CA ILE B 471 9.31 22.71 11.63
C ILE B 471 9.98 22.25 12.89
N PHE B 472 10.92 21.29 12.73
CA PHE B 472 11.61 20.68 13.83
C PHE B 472 12.81 21.48 14.25
N VAL B 473 12.98 21.67 15.56
CA VAL B 473 14.17 22.32 16.12
C VAL B 473 14.71 21.42 17.23
N SER B 474 15.97 21.01 17.09
CA SER B 474 16.64 20.14 18.04
C SER B 474 16.95 20.86 19.34
N HIS B 475 16.78 20.15 20.43
CA HIS B 475 17.34 20.54 21.70
C HIS B 475 18.87 20.53 21.60
N PRO B 476 19.56 21.54 22.14
CA PRO B 476 21.05 21.65 22.00
C PRO B 476 21.83 20.48 22.59
N ASP B 477 21.30 19.85 23.60
CA ASP B 477 21.83 18.62 24.19
C ASP B 477 21.15 17.30 23.74
N ALA B 478 20.48 17.29 22.60
CA ALA B 478 19.80 16.11 22.09
C ALA B 478 20.67 14.87 21.97
N LEU B 479 20.13 13.73 22.41
CA LEU B 479 20.72 12.42 22.18
C LEU B 479 19.93 11.62 21.14
N GLU B 480 18.61 11.77 21.13
CA GLU B 480 17.74 11.02 20.22
C GLU B 480 17.36 11.89 19.01
N GLU B 481 16.85 11.24 17.97
CA GLU B 481 16.38 11.88 16.75
C GLU B 481 15.24 12.89 16.95
N ASP B 482 14.33 12.60 17.89
CA ASP B 482 13.20 13.46 18.22
C ASP B 482 13.28 14.20 19.55
N ASP B 483 14.51 14.49 20.03
CA ASP B 483 14.73 15.34 21.21
C ASP B 483 14.69 16.80 20.73
N GLY B 484 13.50 17.39 20.72
CA GLY B 484 13.31 18.74 20.30
C GLY B 484 11.86 19.14 20.25
N VAL B 485 11.57 20.18 19.50
CA VAL B 485 10.18 20.66 19.35
C VAL B 485 9.84 20.82 17.90
N VAL B 486 8.54 20.88 17.60
CA VAL B 486 8.08 21.40 16.34
C VAL B 486 7.34 22.73 16.58
N LEU B 487 7.50 23.66 15.63
CA LEU B 487 6.82 24.93 15.59
C LEU B 487 5.83 24.96 14.42
N SER B 488 4.65 25.45 14.66
CA SER B 488 3.64 25.56 13.64
C SER B 488 2.86 26.84 13.88
N VAL B 489 2.45 27.51 12.80
CA VAL B 489 1.60 28.71 12.89
C VAL B 489 0.16 28.26 12.70
N VAL B 490 -0.71 28.60 13.65
CA VAL B 490 -2.10 28.12 13.68
C VAL B 490 -3.11 29.24 13.57
N VAL B 491 -4.02 29.12 12.61
CA VAL B 491 -5.10 30.08 12.44
C VAL B 491 -6.30 29.53 13.19
N SER B 492 -6.83 30.33 14.11
CA SER B 492 -7.90 29.92 15.03
C SER B 492 -9.03 30.97 15.09
N PRO B 493 -9.88 31.03 14.04
CA PRO B 493 -10.94 32.06 14.03
C PRO B 493 -12.10 31.80 15.00
N GLY B 494 -13.07 32.69 15.04
CA GLY B 494 -14.19 32.48 15.98
C GLY B 494 -13.87 33.08 17.35
N ALA B 495 -14.82 33.93 17.79
CA ALA B 495 -14.61 34.84 18.91
C ALA B 495 -14.48 34.04 20.20
N GLY B 496 -13.79 34.61 21.20
CA GLY B 496 -13.39 33.85 22.41
C GLY B 496 -12.08 33.07 22.22
N GLN B 497 -11.47 33.17 21.04
CA GLN B 497 -10.04 32.87 20.85
C GLN B 497 -9.46 34.05 20.09
N LYS B 498 -8.20 34.39 20.33
CA LYS B 498 -7.49 35.35 19.47
C LYS B 498 -7.32 34.74 18.05
N PRO B 499 -7.12 35.56 17.02
CA PRO B 499 -7.15 35.04 15.63
C PRO B 499 -6.10 33.99 15.18
N ALA B 500 -4.95 33.95 15.83
CA ALA B 500 -3.83 33.09 15.43
C ALA B 500 -2.82 32.91 16.54
N TYR B 501 -1.96 31.91 16.39
CA TYR B 501 -0.92 31.69 17.36
C TYR B 501 0.21 30.82 16.85
N LEU B 502 1.37 31.02 17.45
CA LEU B 502 2.45 30.13 17.25
C LEU B 502 2.32 28.98 18.21
N LEU B 503 2.37 27.75 17.68
CA LEU B 503 2.22 26.54 18.50
C LEU B 503 3.57 25.85 18.64
N ILE B 504 3.93 25.48 19.86
CA ILE B 504 5.13 24.68 20.11
C ILE B 504 4.69 23.35 20.70
N LEU B 505 5.03 22.25 20.02
CA LEU B 505 4.73 20.90 20.48
C LEU B 505 6.03 20.22 20.78
N ASN B 506 6.00 19.35 21.78
CA ASN B 506 7.13 18.46 22.04
C ASN B 506 7.21 17.40 20.94
N ALA B 507 8.38 17.23 20.34
CA ALA B 507 8.54 16.29 19.24
C ALA B 507 8.40 14.83 19.63
N LYS B 508 8.62 14.48 20.91
CA LYS B 508 8.48 13.09 21.38
C LYS B 508 7.12 12.51 21.16
N ASP B 509 6.11 13.24 21.59
CA ASP B 509 4.71 12.76 21.59
C ASP B 509 3.70 13.77 21.05
N LEU B 510 4.16 14.88 20.46
CA LEU B 510 3.28 15.95 20.02
C LEU B 510 2.37 16.55 21.09
N SER B 511 2.76 16.51 22.35
CA SER B 511 2.03 17.23 23.41
C SER B 511 2.43 18.72 23.39
N GLU B 512 1.46 19.57 23.67
CA GLU B 512 1.64 21.01 23.65
C GLU B 512 2.56 21.47 24.78
N VAL B 513 3.53 22.29 24.42
CA VAL B 513 4.51 22.86 25.33
C VAL B 513 4.21 24.36 25.56
N ALA B 514 3.69 25.05 24.54
CA ALA B 514 3.36 26.47 24.67
C ALA B 514 2.60 26.95 23.46
N ARG B 515 1.94 28.09 23.61
CA ARG B 515 1.51 28.85 22.46
C ARG B 515 1.65 30.33 22.71
N ALA B 516 1.84 31.08 21.61
CA ALA B 516 2.07 32.51 21.64
C ALA B 516 1.04 33.17 20.73
N GLU B 517 -0.03 33.71 21.34
CA GLU B 517 -1.16 34.25 20.57
C GLU B 517 -0.92 35.68 20.08
N VAL B 518 -1.41 35.97 18.87
CA VAL B 518 -1.33 37.31 18.31
C VAL B 518 -2.76 37.80 18.00
N GLU B 519 -2.93 39.11 17.94
CA GLU B 519 -4.26 39.74 17.88
C GLU B 519 -4.71 40.07 16.47
N ILE B 520 -3.95 39.66 15.46
CA ILE B 520 -4.33 39.83 14.06
C ILE B 520 -4.39 38.47 13.34
N ASN B 521 -5.12 38.42 12.22
CA ASN B 521 -5.18 37.21 11.39
C ASN B 521 -3.84 36.94 10.71
N ILE B 522 -3.60 35.66 10.44
CA ILE B 522 -2.47 35.21 9.61
C ILE B 522 -3.06 34.35 8.49
N PRO B 523 -2.69 34.61 7.24
CA PRO B 523 -3.14 33.70 6.21
C PRO B 523 -2.29 32.41 6.13
N VAL B 524 -2.68 31.53 5.21
CA VAL B 524 -1.94 30.31 4.92
C VAL B 524 -0.46 30.61 4.64
N THR B 525 0.42 29.75 5.15
CA THR B 525 1.83 29.73 4.78
C THR B 525 2.22 28.32 4.33
N PHE B 526 3.21 28.27 3.44
CA PHE B 526 3.65 27.02 2.83
C PHE B 526 4.88 26.44 3.51
N HIS B 527 6.01 27.09 3.33
CA HIS B 527 7.26 26.59 3.84
C HIS B 527 8.06 27.65 4.56
N GLY B 528 9.08 27.18 5.27
CA GLY B 528 9.96 28.10 6.00
C GLY B 528 11.15 27.44 6.66
N LEU B 529 11.76 28.13 7.59
CA LEU B 529 12.89 27.57 8.36
C LEU B 529 13.01 28.28 9.70
N PHE B 530 13.78 27.66 10.60
CA PHE B 530 14.16 28.25 11.85
C PHE B 530 15.62 28.67 11.75
N LYS B 531 15.89 29.95 11.99
CA LYS B 531 17.22 30.51 11.93
C LYS B 531 17.68 30.68 13.37
N LYS B 532 18.65 29.89 13.78
CA LYS B 532 19.18 29.94 15.15
C LYS B 532 20.00 31.22 15.28
N SER B 533 19.91 31.88 16.41
CA SER B 533 20.82 32.99 16.70
C SER B 533 21.38 32.84 18.12
#